data_6ISG
#
_entry.id   6ISG
#
_cell.length_a   208.078
_cell.length_b   208.078
_cell.length_c   208.078
_cell.angle_alpha   90.00
_cell.angle_beta   90.00
_cell.angle_gamma   90.00
#
_symmetry.space_group_name_H-M   'I 2 3'
#
loop_
_entity.id
_entity.type
_entity.pdbx_description
1 polymer 'DNA polymerase'
2 polymer "DNA (5'-D(*GP*CP*GP*GP*AP*CP*TP*GP*CP*TP*TP*AP*CP*CP*G)-3')"
3 polymer "DNA (5'-D(*GP*AP*CP*GP*GP*TP*AP*AP*GP*CP*AP*GP*TP*CP*CP*G)-3')"
4 non-polymer PYROPHOSPHATE
5 non-polymer 'CALCIUM ION'
6 water water
#
loop_
_entity_poly.entity_id
_entity_poly.type
_entity_poly.pdbx_seq_one_letter_code
_entity_poly.pdbx_strand_id
1 'polypeptide(L)'
;MILDTDYITENGKPVIRVFKKENGEFKIEYDRTFEPYFYALLKDDSAIEDVKKVTAKRHGTVVKVKRAEKVQKKFLGRPI
EVWKLYFNHPQDVPAIRDRIRAHPAVVDIYEYDIPFAKRYLIDKGLIPMEGDEELTMLAFAIATLYHEGEEFGTGPILMI
SYADGSEARVITWKKIDLPYVDVVSTEKEMIKRFLRVVREKDPDVLITYNGDNFDFAYLKKRCEELGIKFTLGRDGSEPK
IQRMGDRFAVEVKGRIHFDLYPVIRRTINLPTYTLEAVYEAVFGKPKEKVYAEEIAQAWESGEGLERVARYSMEDAKVTY
ELGREFFPMEAQLSRLIGQSLWDVSRSSTGNLVEWFLLRKAYKRNELAPNKPDERELARRRGGYAGGYVKEPERGLWDNI
VYLDFRSLYPSIIITHNVSPDTLNREGCKEYDVAPEVGHKFCKDFPGFIPSLLGDLLEERQKIKRKMKATVDPLEKKLLD
YRQRLIKILANSFYGYYGYAKARWYCKECAESVTAWGREYIEMVIRELEEKFGFKVLYADTDGLHATIPGADAETVKKKA
KEFLKYINPKLPGLLELEYEGFYVRGFFVTKKKYAVIDEEGKITTRGLEIVRRDWSEIAKETQARVLEAILKHGDVEEAV
RIVKEVTEKLSKYEVPPEKLVIHEQITRDLRDYKATGPHVAVAKRLAARGVKIRPGTVISYIVLKGSGRIGDRAIPADEF
DPTKHRYDAEYYIENQVLPAVERILKAFGYRKEDLRYQKTKQVGLGAWLKVKGKKLEHHHHHH
;
A
2 'polydeoxyribonucleotide' (DG)(DC)(DG)(DG)(DA)(DC)(DT)(DG)(DC)(DT)(DT)(DA)(DC)(DC)(DG) C
3 'polydeoxyribonucleotide' (DG)(DA)(DC)(DG)(DG)(DT)(DA)(DA)(DG)(DC)(DA)(DG)(DT)(DC)(DC)(DG)(DC)(DG) D
#
# COMPACT_ATOMS: atom_id res chain seq x y z
N MET A 1 -8.69 -14.99 20.64
CA MET A 1 -8.71 -14.16 19.39
C MET A 1 -8.73 -15.09 18.17
N ILE A 2 -9.72 -14.92 17.28
CA ILE A 2 -9.87 -15.70 16.02
C ILE A 2 -8.73 -15.34 15.08
N LEU A 3 -7.72 -16.21 14.97
CA LEU A 3 -6.51 -16.01 14.12
C LEU A 3 -6.95 -15.91 12.65
N ASP A 4 -7.57 -16.96 12.12
CA ASP A 4 -8.03 -17.04 10.70
C ASP A 4 -9.09 -18.16 10.57
N THR A 5 -9.62 -18.35 9.36
CA THR A 5 -10.65 -19.37 9.02
C THR A 5 -10.17 -20.21 7.83
N ASP A 6 -10.55 -21.51 7.81
CA ASP A 6 -10.28 -22.45 6.70
C ASP A 6 -11.38 -23.53 6.70
N TYR A 7 -11.42 -24.36 5.65
CA TYR A 7 -12.34 -25.53 5.55
C TYR A 7 -11.61 -26.70 4.87
N ILE A 8 -11.64 -27.87 5.52
CA ILE A 8 -11.25 -29.19 4.94
C ILE A 8 -12.53 -29.88 4.47
N THR A 9 -12.41 -31.09 3.89
CA THR A 9 -13.54 -31.90 3.37
C THR A 9 -13.56 -33.26 4.09
N GLU A 10 -14.44 -33.40 5.09
CA GLU A 10 -14.61 -34.65 5.89
C GLU A 10 -15.76 -35.48 5.30
N ASN A 11 -15.42 -36.58 4.62
CA ASN A 11 -16.36 -37.56 4.02
C ASN A 11 -17.25 -36.85 2.99
N GLY A 12 -16.64 -36.02 2.13
CA GLY A 12 -17.32 -35.30 1.02
C GLY A 12 -18.31 -34.26 1.54
N LYS A 13 -18.01 -33.65 2.69
CA LYS A 13 -18.83 -32.57 3.31
C LYS A 13 -17.91 -31.48 3.83
N PRO A 14 -18.14 -30.18 3.46
CA PRO A 14 -17.25 -29.10 3.89
C PRO A 14 -17.42 -28.73 5.37
N VAL A 15 -16.41 -29.04 6.19
CA VAL A 15 -16.35 -28.69 7.64
C VAL A 15 -15.44 -27.46 7.81
N ILE A 16 -15.99 -26.36 8.33
CA ILE A 16 -15.27 -25.07 8.55
C ILE A 16 -14.40 -25.19 9.80
N ARG A 17 -13.30 -24.42 9.86
CA ARG A 17 -12.33 -24.39 10.98
C ARG A 17 -12.00 -22.94 11.34
N VAL A 18 -12.25 -22.55 12.60
CA VAL A 18 -11.95 -21.21 13.15
C VAL A 18 -10.73 -21.30 14.07
N PHE A 19 -9.52 -21.11 13.53
CA PHE A 19 -8.24 -21.11 14.27
C PHE A 19 -8.25 -19.94 15.25
N LYS A 20 -8.38 -20.25 16.56
CA LYS A 20 -8.44 -19.26 17.65
C LYS A 20 -7.25 -19.46 18.60
N LYS A 21 -7.08 -18.55 19.55
CA LYS A 21 -6.16 -18.69 20.71
C LYS A 21 -6.83 -18.07 21.94
N GLU A 22 -7.20 -18.91 22.92
CA GLU A 22 -7.97 -18.53 24.13
C GLU A 22 -7.20 -18.98 25.38
N ASN A 23 -6.89 -18.03 26.27
CA ASN A 23 -6.22 -18.26 27.59
C ASN A 23 -4.83 -18.86 27.37
N GLY A 24 -4.06 -18.30 26.44
CA GLY A 24 -2.67 -18.69 26.13
C GLY A 24 -2.56 -20.13 25.63
N GLU A 25 -3.48 -20.54 24.76
CA GLU A 25 -3.53 -21.92 24.19
C GLU A 25 -4.25 -21.88 22.83
N PHE A 26 -3.61 -22.39 21.78
CA PHE A 26 -4.15 -22.46 20.39
C PHE A 26 -5.22 -23.57 20.32
N LYS A 27 -6.44 -23.22 19.93
CA LYS A 27 -7.61 -24.13 19.82
C LYS A 27 -8.20 -24.04 18.41
N ILE A 28 -8.78 -25.15 17.91
CA ILE A 28 -9.39 -25.27 16.56
C ILE A 28 -10.86 -25.66 16.73
N GLU A 29 -11.78 -24.72 16.50
CA GLU A 29 -13.25 -24.93 16.58
C GLU A 29 -13.78 -25.28 15.17
N TYR A 30 -14.38 -26.46 15.03
CA TYR A 30 -14.97 -26.98 13.76
C TYR A 30 -16.45 -26.59 13.70
N ASP A 31 -16.99 -26.44 12.49
CA ASP A 31 -18.42 -26.07 12.24
C ASP A 31 -18.88 -26.68 10.91
N ARG A 32 -19.73 -27.70 10.97
CA ARG A 32 -20.31 -28.40 9.78
C ARG A 32 -21.65 -27.76 9.39
N THR A 33 -22.20 -26.91 10.26
CA THR A 33 -23.56 -26.29 10.12
C THR A 33 -23.63 -25.40 8.88
N PHE A 34 -22.65 -24.52 8.68
CA PHE A 34 -22.61 -23.50 7.61
C PHE A 34 -22.65 -24.16 6.23
N GLU A 35 -23.71 -23.86 5.45
CA GLU A 35 -23.90 -24.33 4.05
C GLU A 35 -23.72 -23.15 3.09
N PRO A 36 -22.94 -23.30 2.00
CA PRO A 36 -22.77 -22.22 1.02
C PRO A 36 -24.09 -21.82 0.33
N TYR A 37 -24.12 -20.64 -0.29
CA TYR A 37 -25.29 -20.09 -1.02
C TYR A 37 -24.83 -19.05 -2.07
N PHE A 38 -25.75 -18.64 -2.94
CA PHE A 38 -25.60 -17.53 -3.92
C PHE A 38 -26.99 -17.13 -4.45
N TYR A 39 -27.17 -15.84 -4.73
CA TYR A 39 -28.50 -15.22 -5.06
C TYR A 39 -28.76 -15.31 -6.57
N ALA A 40 -30.02 -15.10 -6.96
CA ALA A 40 -30.52 -15.19 -8.35
C ALA A 40 -31.90 -14.52 -8.47
N LEU A 41 -32.04 -13.57 -9.41
CA LEU A 41 -33.29 -12.82 -9.65
C LEU A 41 -34.03 -13.42 -10.86
N LEU A 42 -34.94 -14.36 -10.60
CA LEU A 42 -35.78 -15.02 -11.63
C LEU A 42 -36.82 -14.02 -12.17
N LYS A 43 -37.09 -14.05 -13.48
CA LYS A 43 -38.03 -13.13 -14.18
C LYS A 43 -39.44 -13.34 -13.62
N ASP A 44 -39.86 -14.61 -13.49
CA ASP A 44 -41.16 -15.02 -12.90
C ASP A 44 -40.91 -16.17 -11.90
N ASP A 45 -41.34 -15.99 -10.64
CA ASP A 45 -41.18 -16.97 -9.53
C ASP A 45 -41.79 -18.32 -9.95
N SER A 46 -42.77 -18.30 -10.85
CA SER A 46 -43.41 -19.50 -11.48
C SER A 46 -42.34 -20.44 -12.05
N ALA A 47 -41.27 -19.89 -12.62
CA ALA A 47 -40.14 -20.65 -13.22
C ALA A 47 -39.05 -20.91 -12.17
N ILE A 48 -39.44 -21.29 -10.96
CA ILE A 48 -38.52 -21.59 -9.82
C ILE A 48 -37.98 -23.01 -9.99
N GLU A 49 -38.87 -24.01 -9.98
CA GLU A 49 -38.53 -25.46 -10.09
C GLU A 49 -38.00 -25.78 -11.49
N ASP A 50 -38.45 -25.04 -12.51
CA ASP A 50 -38.04 -25.22 -13.93
C ASP A 50 -36.54 -24.95 -14.07
N VAL A 51 -36.06 -23.83 -13.51
CA VAL A 51 -34.63 -23.36 -13.61
C VAL A 51 -33.80 -23.99 -12.49
N LYS A 52 -34.44 -24.58 -11.48
CA LYS A 52 -33.79 -25.21 -10.30
C LYS A 52 -33.07 -26.51 -10.70
N LYS A 53 -33.37 -27.06 -11.88
CA LYS A 53 -32.86 -28.37 -12.38
C LYS A 53 -31.73 -28.13 -13.41
N VAL A 54 -30.81 -27.21 -13.13
CA VAL A 54 -29.54 -27.01 -13.90
C VAL A 54 -28.43 -27.81 -13.21
N THR A 55 -27.41 -28.23 -13.96
CA THR A 55 -26.31 -29.09 -13.45
C THR A 55 -25.06 -28.97 -14.33
N ALA A 56 -23.91 -29.36 -13.77
CA ALA A 56 -22.59 -29.49 -14.45
C ALA A 56 -21.63 -30.24 -13.53
N LYS A 57 -20.63 -30.91 -14.11
CA LYS A 57 -19.74 -31.88 -13.41
C LYS A 57 -18.57 -31.17 -12.74
N ARG A 58 -18.21 -31.61 -11.53
CA ARG A 58 -16.96 -31.24 -10.82
C ARG A 58 -15.93 -32.36 -11.05
N HIS A 59 -14.86 -32.40 -10.25
CA HIS A 59 -13.79 -33.44 -10.29
C HIS A 59 -14.38 -34.81 -9.93
N GLY A 60 -15.16 -34.87 -8.85
CA GLY A 60 -15.78 -36.11 -8.33
C GLY A 60 -16.93 -36.57 -9.21
N THR A 61 -18.04 -35.83 -9.22
CA THR A 61 -19.29 -36.16 -9.95
C THR A 61 -20.08 -34.88 -10.26
N VAL A 62 -21.35 -35.02 -10.65
CA VAL A 62 -22.27 -33.90 -11.03
C VAL A 62 -22.62 -33.09 -9.79
N VAL A 63 -22.99 -31.81 -9.98
CA VAL A 63 -23.42 -30.87 -8.91
C VAL A 63 -24.79 -30.30 -9.28
N LYS A 64 -25.72 -30.27 -8.32
CA LYS A 64 -27.10 -29.72 -8.46
C LYS A 64 -27.47 -28.95 -7.19
N VAL A 65 -28.43 -28.02 -7.29
CA VAL A 65 -28.88 -27.14 -6.18
C VAL A 65 -29.47 -28.02 -5.07
N LYS A 66 -28.91 -27.93 -3.85
CA LYS A 66 -29.36 -28.69 -2.65
C LYS A 66 -30.77 -28.23 -2.26
N ARG A 67 -30.98 -26.91 -2.18
CA ARG A 67 -32.29 -26.27 -1.88
C ARG A 67 -32.23 -24.79 -2.28
N ALA A 68 -33.39 -24.17 -2.51
CA ALA A 68 -33.55 -22.75 -2.90
C ALA A 68 -34.73 -22.13 -2.15
N GLU A 69 -34.58 -20.87 -1.72
CA GLU A 69 -35.61 -20.08 -0.98
C GLU A 69 -35.67 -18.66 -1.54
N LYS A 70 -36.85 -18.21 -1.95
CA LYS A 70 -37.12 -16.81 -2.38
C LYS A 70 -37.03 -15.89 -1.16
N VAL A 71 -36.17 -14.87 -1.20
CA VAL A 71 -35.85 -13.98 -0.04
C VAL A 71 -36.02 -12.52 -0.48
N GLN A 72 -36.54 -11.68 0.42
CA GLN A 72 -36.68 -10.21 0.23
C GLN A 72 -35.44 -9.53 0.82
N LYS A 73 -34.81 -8.63 0.05
CA LYS A 73 -33.55 -7.92 0.43
C LYS A 73 -33.40 -6.66 -0.43
N LYS A 74 -32.91 -5.57 0.16
CA LYS A 74 -32.73 -4.26 -0.52
C LYS A 74 -31.54 -4.36 -1.49
N PHE A 75 -31.64 -3.69 -2.65
CA PHE A 75 -30.53 -3.49 -3.63
C PHE A 75 -30.49 -2.01 -4.03
N LEU A 76 -29.37 -1.35 -3.76
CA LEU A 76 -29.19 0.13 -3.84
C LEU A 76 -30.37 0.81 -3.13
N GLY A 77 -30.76 0.30 -1.96
CA GLY A 77 -31.87 0.81 -1.14
C GLY A 77 -33.21 0.21 -1.54
N ARG A 78 -33.50 0.16 -2.84
CA ARG A 78 -34.78 -0.34 -3.43
C ARG A 78 -34.99 -1.79 -3.02
N PRO A 79 -36.12 -2.13 -2.35
CA PRO A 79 -36.45 -3.52 -2.03
C PRO A 79 -36.47 -4.43 -3.27
N ILE A 80 -35.96 -5.66 -3.13
CA ILE A 80 -35.92 -6.68 -4.22
C ILE A 80 -36.12 -8.07 -3.58
N GLU A 81 -36.87 -8.95 -4.25
CA GLU A 81 -37.10 -10.36 -3.83
C GLU A 81 -36.39 -11.28 -4.84
N VAL A 82 -35.43 -12.07 -4.36
CA VAL A 82 -34.56 -12.94 -5.21
C VAL A 82 -34.36 -14.30 -4.53
N TRP A 83 -33.99 -15.31 -5.33
CA TRP A 83 -33.78 -16.73 -4.91
C TRP A 83 -32.32 -16.94 -4.50
N LYS A 84 -32.07 -17.30 -3.23
CA LYS A 84 -30.75 -17.76 -2.74
C LYS A 84 -30.68 -19.28 -2.92
N LEU A 85 -29.74 -19.76 -3.75
CA LEU A 85 -29.60 -21.19 -4.14
C LEU A 85 -28.46 -21.82 -3.32
N TYR A 86 -28.82 -22.70 -2.37
CA TYR A 86 -27.85 -23.43 -1.52
C TYR A 86 -27.25 -24.59 -2.32
N PHE A 87 -25.95 -24.86 -2.13
CA PHE A 87 -25.21 -26.00 -2.72
C PHE A 87 -24.44 -26.70 -1.60
N ASN A 88 -24.13 -28.00 -1.78
CA ASN A 88 -23.51 -28.85 -0.73
C ASN A 88 -22.06 -28.44 -0.49
N HIS A 89 -21.22 -28.49 -1.54
CA HIS A 89 -19.78 -28.15 -1.49
C HIS A 89 -19.56 -26.78 -2.13
N PRO A 90 -18.71 -25.90 -1.54
CA PRO A 90 -18.49 -24.55 -2.07
C PRO A 90 -17.91 -24.51 -3.50
N GLN A 91 -17.13 -25.53 -3.87
CA GLN A 91 -16.47 -25.67 -5.20
C GLN A 91 -17.51 -26.04 -6.27
N ASP A 92 -18.77 -26.28 -5.88
CA ASP A 92 -19.93 -26.47 -6.80
C ASP A 92 -20.43 -25.10 -7.28
N VAL A 93 -20.24 -24.05 -6.48
CA VAL A 93 -20.62 -22.64 -6.79
C VAL A 93 -20.04 -22.23 -8.14
N PRO A 94 -18.70 -22.28 -8.35
CA PRO A 94 -18.09 -21.88 -9.62
C PRO A 94 -18.50 -22.73 -10.83
N ALA A 95 -18.91 -23.98 -10.61
CA ALA A 95 -19.36 -24.93 -11.66
C ALA A 95 -20.78 -24.54 -12.12
N ILE A 96 -21.71 -24.37 -11.19
CA ILE A 96 -23.17 -24.22 -11.46
C ILE A 96 -23.48 -22.81 -11.98
N ARG A 97 -22.70 -21.80 -11.59
CA ARG A 97 -23.07 -20.36 -11.76
C ARG A 97 -23.17 -19.99 -13.24
N ASP A 98 -22.11 -20.20 -14.04
CA ASP A 98 -22.04 -19.78 -15.47
C ASP A 98 -23.28 -20.27 -16.22
N ARG A 99 -23.65 -21.54 -16.05
CA ARG A 99 -24.78 -22.19 -16.76
C ARG A 99 -26.11 -21.68 -16.20
N ILE A 100 -26.25 -21.63 -14.88
CA ILE A 100 -27.47 -21.12 -14.15
C ILE A 100 -27.73 -19.67 -14.58
N ARG A 101 -26.67 -18.89 -14.80
CA ARG A 101 -26.73 -17.46 -15.20
C ARG A 101 -27.25 -17.33 -16.64
N ALA A 102 -26.71 -18.14 -17.56
CA ALA A 102 -27.03 -18.15 -19.00
C ALA A 102 -28.51 -18.49 -19.22
N HIS A 103 -29.13 -19.23 -18.28
CA HIS A 103 -30.57 -19.60 -18.27
C HIS A 103 -31.41 -18.38 -18.64
N PRO A 104 -32.29 -18.47 -19.67
CA PRO A 104 -33.07 -17.31 -20.11
C PRO A 104 -34.33 -17.04 -19.27
N ALA A 105 -34.39 -17.58 -18.04
CA ALA A 105 -35.45 -17.33 -17.05
C ALA A 105 -34.94 -16.36 -15.97
N VAL A 106 -33.71 -16.59 -15.48
CA VAL A 106 -33.05 -15.74 -14.45
C VAL A 106 -32.56 -14.45 -15.10
N VAL A 107 -32.62 -13.33 -14.38
CA VAL A 107 -32.19 -11.97 -14.83
C VAL A 107 -30.67 -11.86 -14.68
N ASP A 108 -30.14 -12.21 -13.50
CA ASP A 108 -28.69 -12.13 -13.18
C ASP A 108 -28.40 -12.97 -11.92
N ILE A 109 -27.15 -13.44 -11.78
CA ILE A 109 -26.61 -14.12 -10.58
C ILE A 109 -25.79 -13.12 -9.78
N TYR A 110 -26.00 -13.06 -8.46
CA TYR A 110 -25.40 -12.05 -7.53
C TYR A 110 -24.71 -12.74 -6.36
N GLU A 111 -23.67 -12.09 -5.81
CA GLU A 111 -22.93 -12.48 -4.58
C GLU A 111 -22.54 -13.96 -4.66
N TYR A 112 -21.66 -14.30 -5.61
CA TYR A 112 -21.21 -15.68 -5.92
C TYR A 112 -19.70 -15.85 -5.74
N ASP A 113 -18.95 -14.74 -5.62
CA ASP A 113 -17.47 -14.71 -5.78
C ASP A 113 -16.79 -14.40 -4.43
N ILE A 114 -17.49 -14.63 -3.31
CA ILE A 114 -16.95 -14.49 -1.92
C ILE A 114 -16.52 -15.86 -1.42
N PRO A 115 -15.22 -16.05 -1.06
CA PRO A 115 -14.77 -17.31 -0.47
C PRO A 115 -15.55 -17.71 0.79
N PHE A 116 -15.73 -19.03 0.99
CA PHE A 116 -16.57 -19.64 2.05
C PHE A 116 -16.01 -19.27 3.44
N ALA A 117 -14.69 -19.44 3.63
CA ALA A 117 -13.97 -19.13 4.88
C ALA A 117 -14.18 -17.66 5.26
N LYS A 118 -14.22 -16.77 4.26
CA LYS A 118 -14.44 -15.30 4.42
C LYS A 118 -15.95 -15.03 4.59
N ARG A 119 -16.80 -15.80 3.90
CA ARG A 119 -18.28 -15.75 4.01
C ARG A 119 -18.68 -16.00 5.48
N TYR A 120 -18.10 -17.03 6.10
CA TYR A 120 -18.37 -17.47 7.49
C TYR A 120 -18.08 -16.33 8.47
N LEU A 121 -16.92 -15.67 8.31
CA LEU A 121 -16.46 -14.54 9.17
C LEU A 121 -17.46 -13.38 9.08
N ILE A 122 -18.01 -13.13 7.89
CA ILE A 122 -18.98 -12.02 7.62
C ILE A 122 -20.35 -12.39 8.22
N ASP A 123 -20.93 -13.51 7.80
CA ASP A 123 -22.35 -13.89 8.06
C ASP A 123 -22.54 -14.16 9.56
N LYS A 124 -21.57 -14.80 10.21
CA LYS A 124 -21.61 -15.12 11.67
C LYS A 124 -21.35 -13.84 12.47
N GLY A 125 -20.61 -12.88 11.90
CA GLY A 125 -20.25 -11.61 12.54
C GLY A 125 -19.06 -11.75 13.47
N LEU A 126 -18.16 -12.69 13.16
CA LEU A 126 -16.91 -12.97 13.93
C LEU A 126 -15.81 -12.02 13.43
N ILE A 127 -15.18 -11.28 14.36
CA ILE A 127 -14.13 -10.26 14.06
C ILE A 127 -12.77 -10.86 14.39
N PRO A 128 -11.89 -11.05 13.38
CA PRO A 128 -10.50 -11.48 13.62
C PRO A 128 -9.70 -10.56 14.55
N MET A 129 -8.76 -11.15 15.30
CA MET A 129 -7.74 -10.45 16.13
C MET A 129 -8.43 -9.50 17.12
N GLU A 130 -9.40 -10.02 17.88
CA GLU A 130 -10.12 -9.27 18.95
C GLU A 130 -9.74 -9.87 20.31
N GLY A 131 -9.39 -9.01 21.28
CA GLY A 131 -9.06 -9.41 22.67
C GLY A 131 -7.57 -9.28 22.96
N ASP A 132 -7.20 -9.35 24.24
CA ASP A 132 -5.81 -9.18 24.74
C ASP A 132 -5.14 -10.55 24.86
N GLU A 133 -4.12 -10.81 24.04
CA GLU A 133 -3.28 -12.04 24.06
C GLU A 133 -1.98 -11.79 23.30
N GLU A 134 -0.84 -11.97 23.98
CA GLU A 134 0.53 -11.84 23.39
C GLU A 134 0.81 -13.09 22.53
N LEU A 135 0.94 -12.90 21.22
CA LEU A 135 1.23 -13.99 20.23
C LEU A 135 2.75 -14.14 20.08
N THR A 136 3.26 -15.37 20.26
CA THR A 136 4.67 -15.75 20.03
C THR A 136 4.95 -15.65 18.52
N MET A 137 6.05 -14.97 18.14
CA MET A 137 6.47 -14.77 16.74
C MET A 137 7.91 -15.28 16.56
N LEU A 138 8.20 -15.87 15.40
CA LEU A 138 9.57 -16.29 15.00
C LEU A 138 9.88 -15.74 13.61
N ALA A 139 10.85 -14.83 13.51
CA ALA A 139 11.44 -14.35 12.24
C ALA A 139 12.48 -15.37 11.76
N PHE A 140 12.49 -15.69 10.46
CA PHE A 140 13.50 -16.58 9.84
C PHE A 140 13.87 -16.04 8.46
N ALA A 141 15.11 -16.34 8.03
CA ALA A 141 15.73 -15.87 6.77
C ALA A 141 16.69 -16.95 6.24
N ILE A 142 16.84 -17.04 4.92
CA ILE A 142 17.70 -18.06 4.24
C ILE A 142 18.74 -17.35 3.37
N ALA A 143 19.91 -17.99 3.21
CA ALA A 143 21.02 -17.55 2.33
C ALA A 143 21.36 -18.69 1.37
N THR A 144 21.30 -18.44 0.06
CA THR A 144 21.38 -19.45 -1.03
C THR A 144 22.65 -19.23 -1.86
N LEU A 145 23.10 -20.28 -2.55
CA LEU A 145 24.23 -20.26 -3.50
C LEU A 145 23.68 -20.16 -4.93
N TYR A 146 22.90 -19.12 -5.21
CA TYR A 146 22.23 -18.87 -6.52
C TYR A 146 23.26 -18.26 -7.48
N HIS A 147 23.52 -18.94 -8.60
CA HIS A 147 24.48 -18.53 -9.66
C HIS A 147 23.82 -17.53 -10.62
N GLU A 148 24.58 -17.03 -11.60
CA GLU A 148 24.10 -16.05 -12.62
C GLU A 148 23.31 -16.78 -13.70
N GLY A 149 21.99 -16.57 -13.74
CA GLY A 149 21.07 -17.20 -14.70
C GLY A 149 20.88 -18.70 -14.43
N GLU A 150 20.97 -19.10 -13.16
CA GLU A 150 20.74 -20.50 -12.70
C GLU A 150 19.24 -20.72 -12.54
N GLU A 151 18.71 -21.79 -13.13
CA GLU A 151 17.28 -22.19 -13.02
C GLU A 151 16.87 -22.20 -11.54
N PHE A 152 15.84 -21.43 -11.18
CA PHE A 152 15.39 -21.18 -9.78
C PHE A 152 15.34 -22.49 -8.99
N GLY A 153 16.15 -22.58 -7.92
CA GLY A 153 16.08 -23.65 -6.90
C GLY A 153 17.22 -24.65 -6.98
N THR A 154 17.95 -24.71 -8.10
CA THR A 154 19.09 -25.64 -8.31
C THR A 154 20.18 -25.36 -7.27
N GLY A 155 20.48 -24.07 -7.03
CA GLY A 155 21.42 -23.63 -5.98
C GLY A 155 20.94 -24.06 -4.60
N PRO A 156 21.79 -24.70 -3.77
CA PRO A 156 21.39 -25.13 -2.43
C PRO A 156 21.45 -23.98 -1.42
N ILE A 157 20.67 -24.08 -0.33
CA ILE A 157 20.69 -23.11 0.81
C ILE A 157 21.96 -23.37 1.61
N LEU A 158 22.70 -22.31 1.96
CA LEU A 158 23.96 -22.38 2.75
C LEU A 158 23.63 -22.31 4.24
N MET A 159 22.71 -21.41 4.62
CA MET A 159 22.34 -21.14 6.04
C MET A 159 20.84 -20.85 6.17
N ILE A 160 20.25 -21.17 7.32
CA ILE A 160 18.89 -20.72 7.74
C ILE A 160 19.02 -20.02 9.09
N SER A 161 18.71 -18.72 9.13
CA SER A 161 18.70 -17.87 10.36
C SER A 161 17.27 -17.76 10.89
N TYR A 162 17.10 -17.91 12.21
CA TYR A 162 15.84 -17.64 12.95
C TYR A 162 16.17 -16.74 14.14
N ALA A 163 15.23 -15.85 14.51
CA ALA A 163 15.37 -14.88 15.62
C ALA A 163 14.00 -14.63 16.28
N ASP A 164 13.99 -14.51 17.61
CA ASP A 164 12.80 -14.10 18.40
C ASP A 164 13.30 -13.20 19.55
N GLY A 165 12.45 -12.93 20.54
CA GLY A 165 12.76 -12.07 21.69
C GLY A 165 13.96 -12.56 22.48
N SER A 166 14.11 -13.89 22.59
CA SER A 166 15.12 -14.57 23.44
C SER A 166 16.49 -14.61 22.74
N GLU A 167 16.55 -15.03 21.47
CA GLU A 167 17.82 -15.36 20.77
C GLU A 167 17.67 -15.22 19.26
N ALA A 168 18.80 -15.12 18.55
CA ALA A 168 18.96 -15.26 17.09
C ALA A 168 20.10 -16.24 16.80
N ARG A 169 19.83 -17.28 16.01
CA ARG A 169 20.81 -18.38 15.71
C ARG A 169 20.81 -18.70 14.22
N VAL A 170 21.92 -19.28 13.74
CA VAL A 170 22.13 -19.75 12.34
C VAL A 170 22.31 -21.26 12.35
N ILE A 171 21.62 -21.97 11.45
CA ILE A 171 21.81 -23.43 11.19
C ILE A 171 22.45 -23.56 9.79
N THR A 172 23.60 -24.22 9.70
CA THR A 172 24.40 -24.34 8.45
C THR A 172 25.18 -25.66 8.47
N TRP A 173 25.71 -26.09 7.32
CA TRP A 173 26.35 -27.42 7.14
C TRP A 173 27.84 -27.30 6.79
N LYS A 174 28.35 -26.07 6.61
CA LYS A 174 29.81 -25.76 6.65
C LYS A 174 30.14 -25.21 8.04
N LYS A 175 31.43 -25.21 8.40
CA LYS A 175 31.90 -25.08 9.81
C LYS A 175 32.26 -23.62 10.13
N ILE A 176 31.28 -22.84 10.57
CA ILE A 176 31.45 -21.45 11.09
C ILE A 176 31.54 -21.50 12.62
N ASP A 177 32.75 -21.35 13.17
CA ASP A 177 33.04 -21.48 14.62
C ASP A 177 32.66 -20.17 15.33
N LEU A 178 31.39 -20.03 15.71
CA LEU A 178 30.83 -18.86 16.45
C LEU A 178 29.77 -19.33 17.42
N PRO A 179 29.46 -18.54 18.48
CA PRO A 179 28.53 -18.98 19.52
C PRO A 179 27.05 -19.02 19.11
N TYR A 180 26.68 -18.36 18.00
CA TYR A 180 25.27 -18.26 17.52
C TYR A 180 25.07 -19.15 16.27
N VAL A 181 26.07 -19.93 15.88
CA VAL A 181 26.02 -20.86 14.71
C VAL A 181 25.89 -22.30 15.21
N ASP A 182 24.91 -23.05 14.67
CA ASP A 182 24.72 -24.51 14.89
C ASP A 182 25.11 -25.24 13.60
N VAL A 183 26.26 -25.93 13.60
CA VAL A 183 26.78 -26.68 12.42
C VAL A 183 26.07 -28.04 12.35
N VAL A 184 25.33 -28.27 11.26
CA VAL A 184 24.75 -29.59 10.86
C VAL A 184 25.79 -30.29 9.97
N SER A 185 25.49 -31.52 9.55
CA SER A 185 26.39 -32.40 8.74
C SER A 185 26.11 -32.25 7.24
N THR A 186 24.87 -31.92 6.87
CA THR A 186 24.40 -31.80 5.46
C THR A 186 23.24 -30.79 5.37
N GLU A 187 23.00 -30.25 4.17
CA GLU A 187 21.90 -29.28 3.89
C GLU A 187 20.57 -29.88 4.34
N LYS A 188 20.33 -31.15 4.00
CA LYS A 188 19.10 -31.91 4.39
C LYS A 188 18.91 -31.82 5.91
N GLU A 189 19.96 -32.07 6.69
CA GLU A 189 19.92 -32.18 8.16
C GLU A 189 19.63 -30.80 8.79
N MET A 190 20.06 -29.71 8.15
CA MET A 190 19.87 -28.32 8.67
C MET A 190 18.41 -27.91 8.49
N ILE A 191 17.80 -28.28 7.36
CA ILE A 191 16.35 -28.04 7.06
C ILE A 191 15.53 -28.87 8.05
N LYS A 192 15.85 -30.16 8.17
CA LYS A 192 15.26 -31.09 9.17
C LYS A 192 15.27 -30.41 10.54
N ARG A 193 16.41 -29.82 10.93
CA ARG A 193 16.60 -29.17 12.26
C ARG A 193 15.72 -27.91 12.34
N PHE A 194 15.77 -27.04 11.34
CA PHE A 194 14.98 -25.79 11.26
C PHE A 194 13.51 -26.09 11.53
N LEU A 195 12.97 -27.09 10.83
CA LEU A 195 11.54 -27.54 10.92
C LEU A 195 11.25 -27.99 12.35
N ARG A 196 12.20 -28.70 12.98
CA ARG A 196 12.12 -29.17 14.39
C ARG A 196 12.07 -27.96 15.33
N VAL A 197 12.96 -26.99 15.11
CA VAL A 197 13.08 -25.75 15.94
C VAL A 197 11.73 -25.02 15.93
N VAL A 198 11.12 -24.87 14.74
CA VAL A 198 9.79 -24.22 14.54
C VAL A 198 8.74 -25.02 15.31
N ARG A 199 8.83 -26.36 15.24
CA ARG A 199 7.90 -27.30 15.93
C ARG A 199 8.03 -27.13 17.45
N GLU A 200 9.27 -27.07 17.96
CA GLU A 200 9.60 -26.97 19.40
C GLU A 200 9.09 -25.64 19.96
N LYS A 201 9.34 -24.53 19.25
CA LYS A 201 8.92 -23.16 19.65
C LYS A 201 7.41 -23.00 19.46
N ASP A 202 6.84 -23.59 18.39
CA ASP A 202 5.41 -23.50 18.03
C ASP A 202 4.97 -22.04 18.11
N PRO A 203 5.53 -21.13 17.28
CA PRO A 203 5.14 -19.73 17.28
C PRO A 203 3.84 -19.48 16.50
N ASP A 204 3.03 -18.53 16.96
CA ASP A 204 1.73 -18.13 16.36
C ASP A 204 1.99 -17.44 15.01
N VAL A 205 3.06 -16.65 14.92
CA VAL A 205 3.42 -15.84 13.73
C VAL A 205 4.79 -16.28 13.21
N LEU A 206 4.92 -16.42 11.89
CA LEU A 206 6.23 -16.58 11.17
C LEU A 206 6.48 -15.31 10.37
N ILE A 207 7.53 -14.55 10.72
CA ILE A 207 7.89 -13.25 10.07
C ILE A 207 8.96 -13.51 9.00
N THR A 208 8.77 -12.96 7.81
CA THR A 208 9.73 -12.98 6.67
C THR A 208 9.80 -11.59 6.04
N TYR A 209 10.85 -11.31 5.26
CA TYR A 209 10.95 -10.12 4.39
C TYR A 209 10.99 -10.59 2.93
N ASN A 210 9.82 -10.57 2.28
CA ASN A 210 9.57 -11.10 0.91
C ASN A 210 9.68 -12.63 0.95
N GLY A 211 9.08 -13.27 1.95
CA GLY A 211 9.02 -14.73 2.08
C GLY A 211 7.99 -15.33 1.14
N ASP A 212 6.95 -14.55 0.80
CA ASP A 212 5.84 -14.95 -0.11
C ASP A 212 6.39 -15.42 -1.46
N ASN A 213 7.47 -14.81 -1.95
CA ASN A 213 7.95 -15.00 -3.34
C ASN A 213 9.23 -15.86 -3.37
N PHE A 214 10.20 -15.59 -2.49
CA PHE A 214 11.54 -16.24 -2.51
C PHE A 214 11.64 -17.34 -1.45
N ASP A 215 11.71 -16.95 -0.17
CA ASP A 215 12.16 -17.79 0.97
C ASP A 215 11.41 -19.12 1.00
N PHE A 216 10.07 -19.07 1.06
CA PHE A 216 9.18 -20.26 1.22
C PHE A 216 9.22 -21.13 -0.05
N ALA A 217 9.17 -20.49 -1.23
CA ALA A 217 9.22 -21.17 -2.55
C ALA A 217 10.52 -21.95 -2.69
N TYR A 218 11.64 -21.36 -2.25
CA TYR A 218 13.01 -21.92 -2.36
C TYR A 218 13.14 -23.13 -1.43
N LEU A 219 12.69 -23.00 -0.19
CA LEU A 219 12.69 -24.08 0.84
C LEU A 219 11.89 -25.29 0.31
N LYS A 220 10.84 -25.03 -0.47
CA LYS A 220 10.01 -26.09 -1.13
C LYS A 220 10.85 -26.80 -2.20
N LYS A 221 11.40 -26.03 -3.15
CA LYS A 221 12.24 -26.54 -4.27
C LYS A 221 13.33 -27.47 -3.74
N ARG A 222 13.92 -27.13 -2.58
CA ARG A 222 14.98 -27.93 -1.91
C ARG A 222 14.36 -29.18 -1.27
N CYS A 223 13.32 -29.00 -0.45
CA CYS A 223 12.56 -30.10 0.23
C CYS A 223 12.09 -31.13 -0.79
N GLU A 224 11.80 -30.71 -2.03
CA GLU A 224 11.46 -31.60 -3.16
C GLU A 224 12.73 -32.31 -3.64
N GLU A 225 13.78 -31.54 -3.95
CA GLU A 225 15.07 -32.04 -4.52
C GLU A 225 15.74 -33.03 -3.56
N LEU A 226 15.67 -32.78 -2.25
CA LEU A 226 16.36 -33.56 -1.20
C LEU A 226 15.42 -34.63 -0.62
N GLY A 227 14.10 -34.41 -0.70
CA GLY A 227 13.07 -35.35 -0.21
C GLY A 227 12.86 -35.22 1.29
N ILE A 228 12.53 -34.01 1.74
CA ILE A 228 12.15 -33.68 3.14
C ILE A 228 10.68 -33.26 3.16
N LYS A 229 9.87 -33.86 4.02
CA LYS A 229 8.44 -33.48 4.25
C LYS A 229 8.43 -32.08 4.89
N PHE A 230 8.16 -31.04 4.10
CA PHE A 230 8.19 -29.61 4.49
C PHE A 230 6.93 -29.30 5.30
N THR A 231 6.87 -29.76 6.55
CA THR A 231 5.71 -29.62 7.47
C THR A 231 6.01 -28.55 8.52
N LEU A 232 5.63 -27.30 8.26
CA LEU A 232 5.76 -26.14 9.18
C LEU A 232 4.40 -25.86 9.86
N GLY A 233 3.33 -26.52 9.40
CA GLY A 233 1.94 -26.29 9.87
C GLY A 233 1.70 -26.87 11.26
N ARG A 234 0.63 -26.42 11.92
CA ARG A 234 0.17 -26.92 13.25
C ARG A 234 -0.71 -28.16 13.06
N ASP A 235 -1.43 -28.24 11.94
CA ASP A 235 -2.27 -29.41 11.54
C ASP A 235 -1.41 -30.42 10.77
N GLY A 236 -0.09 -30.18 10.67
CA GLY A 236 0.88 -31.05 9.98
C GLY A 236 0.91 -30.81 8.49
N SER A 237 0.47 -29.62 8.05
CA SER A 237 0.33 -29.23 6.62
C SER A 237 1.65 -28.67 6.10
N GLU A 238 1.92 -28.86 4.80
CA GLU A 238 3.02 -28.19 4.06
C GLU A 238 2.53 -26.81 3.63
N PRO A 239 3.39 -25.76 3.61
CA PRO A 239 2.93 -24.40 3.33
C PRO A 239 2.30 -24.27 1.92
N LYS A 240 1.14 -23.63 1.85
CA LYS A 240 0.34 -23.47 0.60
C LYS A 240 0.75 -22.17 -0.11
N ILE A 241 1.42 -22.29 -1.26
CA ILE A 241 1.92 -21.15 -2.09
C ILE A 241 0.87 -20.81 -3.15
N GLN A 242 -0.09 -19.93 -2.81
CA GLN A 242 -1.18 -19.45 -3.71
C GLN A 242 -0.62 -18.34 -4.62
N ARG A 243 -1.10 -18.28 -5.86
CA ARG A 243 -0.67 -17.28 -6.90
C ARG A 243 -1.61 -16.07 -6.84
N MET A 244 -1.49 -15.26 -5.78
CA MET A 244 -2.35 -14.09 -5.50
C MET A 244 -1.88 -12.89 -6.32
N GLY A 245 -2.56 -12.61 -7.44
CA GLY A 245 -2.31 -11.42 -8.29
C GLY A 245 -1.08 -11.58 -9.16
N ASP A 246 -0.33 -10.50 -9.35
CA ASP A 246 0.92 -10.44 -10.16
C ASP A 246 1.96 -11.39 -9.56
N ARG A 247 2.16 -11.31 -8.23
CA ARG A 247 3.12 -12.13 -7.45
C ARG A 247 2.40 -13.36 -6.89
N PHE A 248 3.07 -14.12 -6.02
CA PHE A 248 2.48 -15.22 -5.20
C PHE A 248 2.37 -14.78 -3.74
N ALA A 249 1.69 -15.59 -2.92
CA ALA A 249 1.62 -15.45 -1.45
C ALA A 249 1.54 -16.86 -0.83
N VAL A 250 2.03 -17.02 0.40
CA VAL A 250 2.22 -18.35 1.06
C VAL A 250 1.47 -18.36 2.39
N GLU A 251 0.62 -19.37 2.60
CA GLU A 251 -0.16 -19.59 3.85
C GLU A 251 0.39 -20.81 4.59
N VAL A 252 0.78 -20.61 5.86
CA VAL A 252 1.15 -21.70 6.82
C VAL A 252 -0.06 -21.94 7.74
N LYS A 253 -0.93 -22.88 7.36
CA LYS A 253 -2.23 -23.16 8.04
C LYS A 253 -1.98 -23.45 9.53
N GLY A 254 -2.58 -22.65 10.42
CA GLY A 254 -2.44 -22.74 11.88
C GLY A 254 -1.61 -21.61 12.44
N ARG A 255 -0.78 -20.97 11.60
CA ARG A 255 0.11 -19.83 11.97
C ARG A 255 -0.22 -18.62 11.09
N ILE A 256 0.29 -17.44 11.48
CA ILE A 256 0.23 -16.19 10.68
C ILE A 256 1.60 -15.99 10.01
N HIS A 257 1.69 -16.21 8.70
CA HIS A 257 2.88 -15.84 7.89
C HIS A 257 2.83 -14.33 7.60
N PHE A 258 3.62 -13.54 8.34
CA PHE A 258 3.65 -12.06 8.24
C PHE A 258 4.84 -11.63 7.39
N ASP A 259 4.63 -11.58 6.05
CA ASP A 259 5.60 -11.04 5.07
C ASP A 259 5.61 -9.52 5.21
N LEU A 260 6.76 -8.94 5.59
CA LEU A 260 6.92 -7.50 5.88
C LEU A 260 6.97 -6.69 4.58
N TYR A 261 7.57 -7.26 3.53
CA TYR A 261 7.84 -6.57 2.24
C TYR A 261 6.58 -5.85 1.78
N PRO A 262 5.44 -6.54 1.54
CA PRO A 262 4.25 -5.89 0.99
C PRO A 262 3.77 -4.72 1.85
N VAL A 263 3.79 -4.91 3.18
CA VAL A 263 3.34 -3.90 4.19
C VAL A 263 4.28 -2.69 4.16
N ILE A 264 5.59 -2.93 4.32
CA ILE A 264 6.66 -1.87 4.27
C ILE A 264 6.54 -1.08 2.97
N ARG A 265 6.42 -1.76 1.82
CA ARG A 265 6.28 -1.11 0.49
C ARG A 265 5.10 -0.14 0.53
N ARG A 266 3.92 -0.63 0.96
CA ARG A 266 2.66 0.15 1.04
C ARG A 266 2.84 1.34 1.99
N THR A 267 3.49 1.12 3.15
CA THR A 267 3.64 2.12 4.24
C THR A 267 4.69 3.17 3.86
N ILE A 268 5.97 2.76 3.79
CA ILE A 268 7.15 3.68 3.66
C ILE A 268 7.40 3.96 2.17
N ASN A 269 7.84 5.19 1.86
CA ASN A 269 8.31 5.62 0.52
C ASN A 269 9.84 5.77 0.56
N LEU A 270 10.57 4.82 -0.03
CA LEU A 270 12.06 4.79 -0.09
C LEU A 270 12.51 4.59 -1.53
N PRO A 271 13.76 4.95 -1.89
CA PRO A 271 14.27 4.74 -3.25
C PRO A 271 14.38 3.24 -3.59
N THR A 272 15.01 2.47 -2.69
CA THR A 272 15.18 0.99 -2.76
C THR A 272 14.65 0.37 -1.47
N TYR A 273 14.16 -0.88 -1.55
CA TYR A 273 13.47 -1.59 -0.44
C TYR A 273 14.28 -2.81 -0.01
N THR A 274 15.61 -2.65 0.07
CA THR A 274 16.55 -3.63 0.70
C THR A 274 16.29 -3.63 2.21
N LEU A 275 16.48 -4.78 2.87
CA LEU A 275 16.29 -4.93 4.34
C LEU A 275 17.30 -4.04 5.07
N GLU A 276 18.42 -3.71 4.40
CA GLU A 276 19.45 -2.76 4.88
C GLU A 276 18.85 -1.34 4.93
N ALA A 277 18.18 -0.94 3.85
CA ALA A 277 17.52 0.38 3.70
C ALA A 277 16.36 0.48 4.71
N VAL A 278 15.46 -0.50 4.70
CA VAL A 278 14.24 -0.55 5.57
C VAL A 278 14.67 -0.41 7.04
N TYR A 279 15.77 -1.04 7.44
CA TYR A 279 16.35 -0.98 8.81
C TYR A 279 16.85 0.45 9.08
N GLU A 280 17.77 0.91 8.22
CA GLU A 280 18.41 2.27 8.29
C GLU A 280 17.32 3.35 8.25
N ALA A 281 16.22 3.11 7.54
CA ALA A 281 15.07 4.02 7.42
C ALA A 281 14.31 4.09 8.76
N VAL A 282 13.79 2.96 9.23
CA VAL A 282 12.87 2.85 10.39
C VAL A 282 13.64 3.10 11.69
N PHE A 283 14.77 2.42 11.88
CA PHE A 283 15.51 2.36 13.17
C PHE A 283 16.65 3.39 13.22
N GLY A 284 17.16 3.82 12.05
CA GLY A 284 18.24 4.82 11.94
C GLY A 284 19.62 4.22 12.09
N LYS A 285 19.70 2.97 12.57
CA LYS A 285 20.98 2.25 12.83
C LYS A 285 21.35 1.47 11.57
N PRO A 286 22.66 1.38 11.23
CA PRO A 286 23.07 0.86 9.93
C PRO A 286 23.11 -0.67 9.87
N LYS A 287 23.23 -1.24 8.67
CA LYS A 287 23.35 -2.71 8.43
C LYS A 287 24.15 -2.96 7.15
N GLU A 288 25.26 -3.70 7.26
CA GLU A 288 26.13 -4.11 6.13
C GLU A 288 25.48 -5.30 5.41
N LYS A 289 25.71 -5.42 4.09
CA LYS A 289 25.15 -6.49 3.22
C LYS A 289 26.27 -7.31 2.62
N VAL A 290 26.52 -8.52 3.15
CA VAL A 290 27.40 -9.55 2.54
C VAL A 290 26.72 -10.02 1.24
N TYR A 291 27.37 -9.82 0.09
CA TYR A 291 26.81 -10.02 -1.27
C TYR A 291 26.85 -11.50 -1.65
N ALA A 292 26.26 -11.84 -2.81
CA ALA A 292 26.23 -13.20 -3.39
C ALA A 292 27.63 -13.60 -3.86
N GLU A 293 28.35 -12.69 -4.51
CA GLU A 293 29.75 -12.87 -4.97
C GLU A 293 30.62 -13.25 -3.76
N GLU A 294 30.41 -12.58 -2.62
CA GLU A 294 31.14 -12.81 -1.35
C GLU A 294 30.66 -14.14 -0.72
N ILE A 295 29.34 -14.31 -0.58
CA ILE A 295 28.69 -15.51 0.03
C ILE A 295 29.15 -16.76 -0.72
N ALA A 296 29.41 -16.66 -2.02
CA ALA A 296 29.86 -17.76 -2.91
C ALA A 296 31.32 -18.10 -2.61
N GLN A 297 32.23 -17.14 -2.79
CA GLN A 297 33.70 -17.31 -2.61
C GLN A 297 34.01 -17.73 -1.17
N ALA A 298 33.16 -17.33 -0.21
CA ALA A 298 33.20 -17.75 1.20
C ALA A 298 33.02 -19.27 1.30
N TRP A 299 31.93 -19.77 0.72
CA TRP A 299 31.56 -21.22 0.69
C TRP A 299 32.62 -22.01 -0.07
N GLU A 300 33.03 -21.52 -1.26
CA GLU A 300 34.02 -22.17 -2.15
C GLU A 300 35.40 -22.20 -1.47
N SER A 301 35.77 -21.12 -0.77
CA SER A 301 37.09 -20.94 -0.12
C SER A 301 37.11 -21.62 1.25
N GLY A 302 36.09 -21.36 2.07
CA GLY A 302 36.08 -21.71 3.51
C GLY A 302 36.59 -20.55 4.36
N GLU A 303 37.36 -19.64 3.74
CA GLU A 303 37.93 -18.43 4.39
C GLU A 303 36.83 -17.40 4.62
N GLY A 304 36.61 -17.02 5.89
CA GLY A 304 35.76 -15.88 6.29
C GLY A 304 34.28 -16.13 6.07
N LEU A 305 33.77 -17.27 6.54
CA LEU A 305 32.32 -17.59 6.57
C LEU A 305 31.68 -16.92 7.80
N GLU A 306 32.49 -16.34 8.69
CA GLU A 306 32.04 -15.62 9.91
C GLU A 306 31.22 -14.39 9.52
N ARG A 307 31.62 -13.68 8.45
CA ARG A 307 30.88 -12.50 7.91
C ARG A 307 29.56 -12.98 7.29
N VAL A 308 29.62 -14.03 6.45
CA VAL A 308 28.44 -14.66 5.78
C VAL A 308 27.44 -15.11 6.85
N ALA A 309 27.94 -15.59 8.00
CA ALA A 309 27.13 -16.03 9.17
C ALA A 309 26.49 -14.81 9.84
N ARG A 310 27.31 -13.89 10.35
CA ARG A 310 26.84 -12.65 11.05
C ARG A 310 25.71 -12.00 10.25
N TYR A 311 25.87 -11.92 8.92
CA TYR A 311 24.87 -11.36 7.97
C TYR A 311 23.53 -12.10 8.17
N SER A 312 23.54 -13.42 7.93
CA SER A 312 22.35 -14.32 8.04
C SER A 312 21.66 -14.10 9.41
N MET A 313 22.45 -14.04 10.48
CA MET A 313 21.97 -13.85 11.87
C MET A 313 21.34 -12.45 12.01
N GLU A 314 22.01 -11.41 11.52
CA GLU A 314 21.53 -10.01 11.57
C GLU A 314 20.26 -9.88 10.74
N ASP A 315 20.18 -10.57 9.59
CA ASP A 315 19.00 -10.54 8.67
C ASP A 315 17.75 -10.94 9.47
N ALA A 316 17.80 -12.07 10.19
CA ALA A 316 16.70 -12.59 11.03
C ALA A 316 16.40 -11.61 12.17
N LYS A 317 17.45 -11.18 12.88
CA LYS A 317 17.37 -10.25 14.04
C LYS A 317 16.60 -8.99 13.61
N VAL A 318 16.99 -8.40 12.48
CA VAL A 318 16.35 -7.17 11.91
C VAL A 318 14.91 -7.48 11.53
N THR A 319 14.68 -8.56 10.78
CA THR A 319 13.34 -9.03 10.32
C THR A 319 12.40 -9.11 11.52
N TYR A 320 12.85 -9.70 12.63
CA TYR A 320 12.08 -9.82 13.90
C TYR A 320 11.72 -8.41 14.41
N GLU A 321 12.73 -7.56 14.57
CA GLU A 321 12.59 -6.18 15.12
C GLU A 321 11.60 -5.38 14.26
N LEU A 322 11.71 -5.47 12.93
CA LEU A 322 10.78 -4.82 11.97
C LEU A 322 9.37 -5.38 12.18
N GLY A 323 9.23 -6.72 12.25
CA GLY A 323 7.95 -7.41 12.43
C GLY A 323 7.22 -6.97 13.68
N ARG A 324 7.92 -6.94 14.83
CA ARG A 324 7.36 -6.58 16.16
C ARG A 324 6.92 -5.11 16.17
N GLU A 325 7.47 -4.28 15.27
CA GLU A 325 7.17 -2.83 15.17
C GLU A 325 5.99 -2.59 14.23
N PHE A 326 5.78 -3.46 13.23
CA PHE A 326 4.77 -3.29 12.15
C PHE A 326 3.51 -4.13 12.43
N PHE A 327 3.67 -5.34 12.99
CA PHE A 327 2.57 -6.32 13.22
C PHE A 327 1.42 -5.67 13.99
N PRO A 328 1.67 -4.98 15.13
CA PRO A 328 0.59 -4.43 15.95
C PRO A 328 -0.43 -3.57 15.18
N MET A 329 0.04 -2.66 14.32
CA MET A 329 -0.85 -1.73 13.56
C MET A 329 -1.57 -2.50 12.45
N GLU A 330 -0.93 -3.54 11.89
CA GLU A 330 -1.51 -4.41 10.83
C GLU A 330 -2.53 -5.37 11.48
N ALA A 331 -2.51 -5.49 12.82
CA ALA A 331 -3.47 -6.28 13.62
C ALA A 331 -4.77 -5.48 13.81
N GLN A 332 -4.64 -4.23 14.28
CA GLN A 332 -5.79 -3.29 14.47
C GLN A 332 -6.48 -3.06 13.11
N LEU A 333 -5.70 -3.07 12.02
CA LEU A 333 -6.22 -3.05 10.62
C LEU A 333 -7.17 -4.25 10.42
N SER A 334 -6.71 -5.45 10.78
CA SER A 334 -7.48 -6.72 10.70
C SER A 334 -8.82 -6.58 11.41
N ARG A 335 -8.83 -5.89 12.57
CA ARG A 335 -10.03 -5.67 13.41
C ARG A 335 -10.99 -4.71 12.72
N LEU A 336 -10.48 -3.61 12.17
CA LEU A 336 -11.27 -2.52 11.53
C LEU A 336 -11.96 -3.05 10.27
N ILE A 337 -11.18 -3.67 9.37
CA ILE A 337 -11.67 -4.21 8.06
C ILE A 337 -12.55 -5.44 8.33
N GLY A 338 -12.13 -6.29 9.28
CA GLY A 338 -12.88 -7.48 9.72
C GLY A 338 -12.54 -8.71 8.90
N GLN A 339 -11.29 -8.83 8.44
CA GLN A 339 -10.71 -10.04 7.82
C GLN A 339 -9.35 -10.33 8.49
N SER A 340 -8.71 -11.44 8.12
CA SER A 340 -7.47 -11.97 8.76
C SER A 340 -6.30 -11.02 8.52
N LEU A 341 -5.33 -11.00 9.45
CA LEU A 341 -4.05 -10.25 9.33
C LEU A 341 -3.35 -10.66 8.03
N TRP A 342 -3.45 -11.94 7.65
CA TRP A 342 -2.87 -12.50 6.41
C TRP A 342 -3.38 -11.73 5.19
N ASP A 343 -4.71 -11.60 5.05
CA ASP A 343 -5.37 -10.93 3.91
C ASP A 343 -5.09 -9.41 3.96
N VAL A 344 -5.37 -8.78 5.10
CA VAL A 344 -5.23 -7.31 5.34
C VAL A 344 -3.79 -6.86 5.04
N SER A 345 -2.81 -7.75 5.23
CA SER A 345 -1.37 -7.50 4.96
C SER A 345 -1.10 -7.38 3.46
N ARG A 346 -1.76 -8.22 2.64
CA ARG A 346 -1.46 -8.40 1.20
C ARG A 346 -2.57 -7.77 0.34
N SER A 347 -3.42 -6.92 0.94
CA SER A 347 -4.59 -6.30 0.28
C SER A 347 -4.33 -4.82 0.00
N SER A 348 -4.71 -4.35 -1.19
CA SER A 348 -4.83 -2.92 -1.57
C SER A 348 -5.90 -2.25 -0.72
N THR A 349 -5.79 -0.94 -0.47
CA THR A 349 -6.85 -0.12 0.16
C THR A 349 -8.13 -0.25 -0.66
N GLY A 350 -8.00 -0.40 -1.99
CA GLY A 350 -9.11 -0.69 -2.92
C GLY A 350 -9.96 -1.86 -2.46
N ASN A 351 -9.32 -2.99 -2.15
CA ASN A 351 -10.00 -4.25 -1.74
C ASN A 351 -10.38 -4.20 -0.25
N LEU A 352 -9.57 -3.52 0.58
CA LEU A 352 -9.86 -3.33 2.03
C LEU A 352 -11.20 -2.62 2.21
N VAL A 353 -11.46 -1.59 1.39
CA VAL A 353 -12.75 -0.83 1.37
C VAL A 353 -13.88 -1.83 1.05
N GLU A 354 -13.73 -2.60 -0.03
CA GLU A 354 -14.76 -3.51 -0.57
C GLU A 354 -15.10 -4.59 0.46
N TRP A 355 -14.10 -5.14 1.15
CA TRP A 355 -14.28 -6.13 2.26
C TRP A 355 -15.09 -5.48 3.39
N PHE A 356 -14.78 -4.22 3.71
CA PHE A 356 -15.45 -3.44 4.79
C PHE A 356 -16.92 -3.19 4.44
N LEU A 357 -17.22 -3.01 3.15
CA LEU A 357 -18.61 -2.77 2.65
C LEU A 357 -19.37 -4.10 2.62
N LEU A 358 -18.80 -5.14 2.01
CA LEU A 358 -19.39 -6.51 1.92
C LEU A 358 -19.88 -6.94 3.30
N ARG A 359 -19.11 -6.63 4.35
CA ARG A 359 -19.43 -6.98 5.76
C ARG A 359 -20.65 -6.16 6.23
N LYS A 360 -20.56 -4.83 6.10
CA LYS A 360 -21.61 -3.88 6.56
C LYS A 360 -22.88 -4.10 5.75
N ALA A 361 -22.75 -4.43 4.46
CA ALA A 361 -23.87 -4.67 3.50
C ALA A 361 -24.72 -5.85 3.98
N TYR A 362 -24.07 -6.96 4.38
CA TYR A 362 -24.74 -8.17 4.92
C TYR A 362 -25.58 -7.79 6.15
N LYS A 363 -24.99 -7.03 7.07
CA LYS A 363 -25.61 -6.59 8.34
C LYS A 363 -26.80 -5.67 8.05
N ARG A 364 -26.80 -5.01 6.89
CA ARG A 364 -27.82 -4.02 6.44
C ARG A 364 -28.83 -4.67 5.48
N ASN A 365 -28.70 -5.97 5.21
CA ASN A 365 -29.59 -6.72 4.28
C ASN A 365 -29.51 -6.11 2.87
N GLU A 366 -28.32 -5.64 2.48
CA GLU A 366 -28.03 -5.09 1.13
C GLU A 366 -27.36 -6.18 0.29
N LEU A 367 -27.95 -6.53 -0.85
CA LEU A 367 -27.37 -7.47 -1.86
C LEU A 367 -26.25 -6.75 -2.60
N ALA A 368 -25.03 -7.29 -2.54
CA ALA A 368 -23.80 -6.66 -3.09
C ALA A 368 -23.81 -6.73 -4.62
N PRO A 369 -23.65 -5.60 -5.34
CA PRO A 369 -23.49 -5.64 -6.79
C PRO A 369 -22.18 -6.32 -7.18
N ASN A 370 -22.18 -7.01 -8.32
CA ASN A 370 -21.06 -7.89 -8.78
C ASN A 370 -19.92 -7.02 -9.32
N LYS A 371 -18.70 -7.57 -9.31
CA LYS A 371 -17.50 -6.98 -9.97
C LYS A 371 -17.76 -6.95 -11.47
N PRO A 372 -17.24 -5.95 -12.21
CA PRO A 372 -17.58 -5.78 -13.63
C PRO A 372 -16.92 -6.86 -14.52
N ASP A 373 -17.64 -7.31 -15.56
CA ASP A 373 -17.11 -8.24 -16.59
C ASP A 373 -16.16 -7.46 -17.50
N GLU A 374 -15.50 -8.14 -18.44
CA GLU A 374 -14.44 -7.56 -19.32
C GLU A 374 -15.04 -6.43 -20.17
N ARG A 375 -16.27 -6.62 -20.67
CA ARG A 375 -17.01 -5.63 -21.51
C ARG A 375 -17.42 -4.42 -20.67
N GLU A 376 -17.73 -4.63 -19.38
CA GLU A 376 -18.22 -3.57 -18.46
C GLU A 376 -17.08 -2.61 -18.13
N LEU A 377 -15.90 -3.13 -17.76
CA LEU A 377 -14.70 -2.34 -17.40
C LEU A 377 -14.37 -1.36 -18.53
N ALA A 378 -14.54 -1.80 -19.79
CA ALA A 378 -14.34 -0.99 -21.01
C ALA A 378 -15.28 0.23 -20.98
N ARG A 379 -16.52 0.04 -20.51
CA ARG A 379 -17.57 1.09 -20.42
C ARG A 379 -17.23 2.07 -19.29
N ARG A 380 -16.48 1.63 -18.28
CA ARG A 380 -16.05 2.45 -17.10
C ARG A 380 -14.68 3.09 -17.36
N ARG A 381 -14.19 3.07 -18.61
CA ARG A 381 -12.87 3.63 -19.01
C ARG A 381 -13.05 5.09 -19.44
N GLY A 382 -13.93 5.85 -18.75
CA GLY A 382 -14.20 7.27 -19.00
C GLY A 382 -13.81 8.12 -17.80
N GLY A 383 -12.75 8.93 -17.95
CA GLY A 383 -12.22 9.81 -16.89
C GLY A 383 -13.14 10.98 -16.59
N TYR A 384 -12.92 11.66 -15.47
CA TYR A 384 -13.74 12.80 -14.97
C TYR A 384 -12.82 13.92 -14.44
N ALA A 385 -13.39 15.13 -14.32
CA ALA A 385 -12.69 16.36 -13.86
C ALA A 385 -12.22 16.18 -12.41
N GLY A 386 -10.97 16.56 -12.13
CA GLY A 386 -10.37 16.47 -10.79
C GLY A 386 -10.62 17.75 -10.00
N GLY A 387 -9.58 18.23 -9.31
CA GLY A 387 -9.69 19.40 -8.42
C GLY A 387 -8.89 20.59 -8.92
N TYR A 388 -9.19 21.78 -8.39
CA TYR A 388 -8.59 23.07 -8.81
C TYR A 388 -7.15 23.16 -8.29
N VAL A 389 -6.22 23.52 -9.18
CA VAL A 389 -4.81 23.87 -8.84
C VAL A 389 -4.51 25.24 -9.44
N LYS A 390 -4.39 26.27 -8.60
CA LYS A 390 -4.04 27.66 -8.98
C LYS A 390 -2.60 27.67 -9.52
N GLU A 391 -2.34 28.34 -10.67
CA GLU A 391 -0.96 28.62 -11.21
C GLU A 391 -0.34 29.63 -10.23
N PRO A 392 0.81 29.26 -9.62
CA PRO A 392 1.32 29.95 -8.44
C PRO A 392 1.98 31.30 -8.75
N GLU A 393 1.79 32.29 -7.88
CA GLU A 393 2.53 33.59 -7.93
C GLU A 393 3.98 33.30 -7.50
N ARG A 394 4.89 33.25 -8.48
CA ARG A 394 6.29 32.77 -8.30
C ARG A 394 7.12 33.82 -7.57
N GLY A 395 8.18 33.36 -6.90
CA GLY A 395 9.17 34.20 -6.19
C GLY A 395 9.32 33.79 -4.73
N LEU A 396 10.19 34.51 -4.00
CA LEU A 396 10.39 34.35 -2.54
C LEU A 396 9.44 35.31 -1.80
N TRP A 397 8.46 34.76 -1.07
CA TRP A 397 7.45 35.52 -0.30
C TRP A 397 7.73 35.37 1.21
N ASP A 398 7.36 36.39 2.00
CA ASP A 398 7.55 36.44 3.46
C ASP A 398 6.19 36.32 4.16
N ASN A 399 6.15 35.61 5.29
CA ASN A 399 5.00 35.53 6.23
C ASN A 399 3.79 34.91 5.51
N ILE A 400 3.86 33.60 5.24
CA ILE A 400 2.79 32.83 4.54
C ILE A 400 1.98 32.06 5.58
N VAL A 401 0.66 32.01 5.42
CA VAL A 401 -0.30 31.27 6.31
C VAL A 401 -1.03 30.22 5.46
N TYR A 402 -0.83 28.93 5.76
CA TYR A 402 -1.49 27.79 5.09
C TYR A 402 -2.85 27.51 5.72
N LEU A 403 -3.93 27.66 4.94
CA LEU A 403 -5.31 27.29 5.32
C LEU A 403 -5.74 26.09 4.46
N ASP A 404 -6.50 25.15 5.05
CA ASP A 404 -7.03 23.96 4.33
C ASP A 404 -8.36 23.52 4.98
N PHE A 405 -9.20 22.84 4.22
CA PHE A 405 -10.46 22.20 4.71
C PHE A 405 -10.08 20.94 5.51
N ARG A 406 -10.78 20.70 6.63
CA ARG A 406 -10.65 19.46 7.43
C ARG A 406 -11.53 18.39 6.77
N SER A 407 -10.91 17.27 6.36
CA SER A 407 -11.53 16.13 5.64
C SER A 407 -12.57 16.62 4.62
N LEU A 408 -12.11 17.21 3.51
CA LEU A 408 -12.96 17.88 2.49
C LEU A 408 -13.90 16.86 1.81
N TYR A 409 -13.34 15.91 1.06
CA TYR A 409 -14.12 14.95 0.24
C TYR A 409 -15.05 14.12 1.14
N PRO A 410 -14.60 13.65 2.32
CA PRO A 410 -15.50 12.99 3.27
C PRO A 410 -16.64 13.90 3.75
N SER A 411 -16.32 15.14 4.16
CA SER A 411 -17.31 16.17 4.57
C SER A 411 -18.40 16.32 3.49
N ILE A 412 -18.00 16.34 2.22
CA ILE A 412 -18.91 16.43 1.03
C ILE A 412 -19.75 15.16 0.93
N ILE A 413 -19.09 13.99 1.00
CA ILE A 413 -19.73 12.64 0.90
C ILE A 413 -20.83 12.53 1.96
N ILE A 414 -20.57 13.05 3.16
CA ILE A 414 -21.55 13.10 4.30
C ILE A 414 -22.60 14.16 4.00
N THR A 415 -22.18 15.44 3.94
CA THR A 415 -23.06 16.64 3.86
C THR A 415 -24.12 16.46 2.76
N HIS A 416 -23.70 16.17 1.53
CA HIS A 416 -24.57 16.14 0.31
C HIS A 416 -25.10 14.72 0.07
N ASN A 417 -24.80 13.77 0.97
CA ASN A 417 -25.37 12.40 0.97
C ASN A 417 -25.02 11.70 -0.35
N VAL A 418 -23.76 11.84 -0.79
CA VAL A 418 -23.27 11.33 -2.10
C VAL A 418 -23.09 9.81 -1.99
N SER A 419 -23.84 9.06 -2.79
CA SER A 419 -23.91 7.57 -2.75
C SER A 419 -24.65 7.06 -3.99
N PRO A 420 -24.29 5.88 -4.53
CA PRO A 420 -24.97 5.34 -5.71
C PRO A 420 -26.44 5.01 -5.43
N ASP A 421 -26.79 4.71 -4.17
CA ASP A 421 -28.16 4.35 -3.73
C ASP A 421 -28.99 5.63 -3.49
N THR A 422 -28.44 6.81 -3.79
CA THR A 422 -29.13 8.12 -3.68
C THR A 422 -29.01 8.94 -4.97
N LEU A 423 -28.20 8.49 -5.93
CA LEU A 423 -27.90 9.23 -7.19
C LEU A 423 -29.15 9.28 -8.08
N ASN A 424 -29.77 10.47 -8.19
CA ASN A 424 -30.94 10.76 -9.05
C ASN A 424 -32.05 9.74 -8.78
N ARG A 425 -32.66 9.80 -7.58
CA ARG A 425 -33.81 8.95 -7.15
C ARG A 425 -35.11 9.54 -7.70
N GLU A 426 -36.20 8.76 -7.62
CA GLU A 426 -37.55 9.16 -8.13
C GLU A 426 -38.42 9.64 -6.97
N GLY A 427 -38.66 10.95 -6.89
CA GLY A 427 -39.66 11.59 -6.02
C GLY A 427 -39.25 11.59 -4.55
N CYS A 428 -38.01 11.97 -4.26
CA CYS A 428 -37.55 12.34 -2.88
C CYS A 428 -38.04 13.76 -2.56
N LYS A 429 -38.33 14.03 -1.29
CA LYS A 429 -38.85 15.33 -0.79
C LYS A 429 -37.79 16.43 -1.00
N GLU A 430 -36.53 16.14 -0.68
CA GLU A 430 -35.39 17.09 -0.75
C GLU A 430 -34.24 16.49 -1.59
N TYR A 431 -33.59 17.31 -2.41
CA TYR A 431 -32.43 16.95 -3.27
C TYR A 431 -31.30 17.97 -3.09
N ASP A 432 -30.05 17.53 -3.25
CA ASP A 432 -28.84 18.37 -3.35
C ASP A 432 -28.26 18.20 -4.77
N VAL A 433 -28.17 19.30 -5.53
CA VAL A 433 -27.73 19.31 -6.96
C VAL A 433 -26.26 19.73 -7.03
N ALA A 434 -25.42 18.93 -7.72
CA ALA A 434 -23.98 19.19 -7.93
C ALA A 434 -23.80 20.41 -8.83
N PRO A 435 -22.76 21.24 -8.61
CA PRO A 435 -22.64 22.54 -9.29
C PRO A 435 -22.68 22.48 -10.83
N GLU A 436 -21.70 21.82 -11.46
CA GLU A 436 -21.49 21.85 -12.93
C GLU A 436 -21.81 20.50 -13.58
N VAL A 437 -21.61 19.39 -12.84
CA VAL A 437 -22.01 18.02 -13.28
C VAL A 437 -23.55 17.98 -13.40
N GLY A 438 -24.25 18.52 -12.40
CA GLY A 438 -25.71 18.69 -12.40
C GLY A 438 -26.43 17.56 -11.69
N HIS A 439 -25.70 16.51 -11.30
CA HIS A 439 -26.21 15.29 -10.63
C HIS A 439 -26.96 15.67 -9.35
N LYS A 440 -28.19 15.15 -9.19
CA LYS A 440 -29.07 15.41 -8.01
C LYS A 440 -29.01 14.21 -7.07
N PHE A 441 -28.72 14.45 -5.78
CA PHE A 441 -28.62 13.41 -4.72
C PHE A 441 -29.77 13.56 -3.73
N CYS A 442 -30.60 12.52 -3.62
CA CYS A 442 -31.73 12.40 -2.66
C CYS A 442 -31.22 12.59 -1.22
N LYS A 443 -31.91 13.41 -0.44
CA LYS A 443 -31.51 13.78 0.95
C LYS A 443 -32.64 13.45 1.93
N ASP A 444 -33.30 12.30 1.74
CA ASP A 444 -34.39 11.78 2.63
C ASP A 444 -33.84 10.62 3.45
N PHE A 445 -33.46 9.52 2.79
CA PHE A 445 -32.76 8.36 3.39
C PHE A 445 -31.28 8.70 3.55
N PRO A 446 -30.65 8.44 4.72
CA PRO A 446 -29.19 8.45 4.82
C PRO A 446 -28.60 7.35 3.93
N GLY A 447 -27.71 7.71 3.00
CA GLY A 447 -27.11 6.80 2.01
C GLY A 447 -26.25 5.74 2.66
N PHE A 448 -26.15 4.57 2.01
CA PHE A 448 -25.36 3.40 2.48
C PHE A 448 -23.95 3.83 2.87
N ILE A 449 -23.20 4.38 1.92
CA ILE A 449 -21.76 4.76 2.09
C ILE A 449 -21.64 5.91 3.08
N PRO A 450 -22.36 7.05 2.89
CA PRO A 450 -22.31 8.15 3.86
C PRO A 450 -22.59 7.71 5.30
N SER A 451 -23.62 6.89 5.50
CA SER A 451 -24.03 6.33 6.82
C SER A 451 -22.81 5.71 7.52
N LEU A 452 -22.08 4.84 6.81
CA LEU A 452 -20.87 4.14 7.30
C LEU A 452 -19.74 5.16 7.49
N LEU A 453 -19.60 6.11 6.56
CA LEU A 453 -18.56 7.18 6.58
C LEU A 453 -18.72 8.04 7.84
N GLY A 454 -19.97 8.34 8.21
CA GLY A 454 -20.30 9.06 9.46
C GLY A 454 -19.81 8.30 10.67
N ASP A 455 -20.23 7.03 10.80
CA ASP A 455 -19.90 6.11 11.93
C ASP A 455 -18.38 6.04 12.12
N LEU A 456 -17.62 5.87 11.03
CA LEU A 456 -16.13 5.84 11.05
C LEU A 456 -15.61 7.12 11.71
N LEU A 457 -15.88 8.28 11.10
CA LEU A 457 -15.47 9.62 11.59
C LEU A 457 -16.03 9.85 12.99
N GLU A 458 -17.24 9.34 13.27
CA GLU A 458 -17.93 9.45 14.59
C GLU A 458 -17.14 8.65 15.63
N GLU A 459 -16.69 7.45 15.28
CA GLU A 459 -15.90 6.54 16.17
C GLU A 459 -14.50 7.10 16.38
N ARG A 460 -13.88 7.66 15.33
CA ARG A 460 -12.49 8.19 15.38
C ARG A 460 -12.36 9.22 16.50
N GLN A 461 -13.42 9.99 16.76
CA GLN A 461 -13.45 11.02 17.85
C GLN A 461 -13.63 10.35 19.21
N LYS A 462 -14.39 9.24 19.27
CA LYS A 462 -14.55 8.40 20.49
C LYS A 462 -13.18 7.85 20.90
N ILE A 463 -12.39 7.38 19.93
CA ILE A 463 -11.04 6.77 20.14
C ILE A 463 -10.06 7.84 20.61
N LYS A 464 -10.09 9.03 20.00
CA LYS A 464 -9.20 10.17 20.33
C LYS A 464 -9.51 10.69 21.74
N ARG A 465 -10.75 10.53 22.20
CA ARG A 465 -11.19 10.88 23.59
C ARG A 465 -10.66 9.82 24.56
N LYS A 466 -10.83 8.53 24.22
CA LYS A 466 -10.36 7.38 25.03
C LYS A 466 -8.82 7.39 25.15
N MET A 467 -8.13 7.92 24.14
CA MET A 467 -6.65 8.09 24.13
C MET A 467 -6.22 9.04 25.25
N LYS A 468 -6.96 10.15 25.43
CA LYS A 468 -6.72 11.17 26.49
C LYS A 468 -6.85 10.50 27.87
N ALA A 469 -7.78 9.57 28.04
CA ALA A 469 -8.10 8.86 29.30
C ALA A 469 -7.05 7.77 29.57
N THR A 470 -6.56 7.11 28.52
CA THR A 470 -5.63 5.94 28.58
C THR A 470 -4.37 6.31 29.36
N VAL A 471 -4.08 5.55 30.43
CA VAL A 471 -2.87 5.71 31.30
C VAL A 471 -1.73 4.84 30.74
N ASP A 472 -2.04 3.59 30.37
CA ASP A 472 -1.09 2.60 29.78
C ASP A 472 -0.56 3.14 28.46
N PRO A 473 0.78 3.33 28.32
CA PRO A 473 1.37 3.80 27.06
C PRO A 473 1.16 2.84 25.87
N LEU A 474 1.05 1.54 26.14
CA LEU A 474 0.83 0.47 25.13
C LEU A 474 -0.55 0.66 24.48
N GLU A 475 -1.61 0.76 25.30
CA GLU A 475 -3.01 0.98 24.85
C GLU A 475 -3.12 2.30 24.10
N LYS A 476 -2.45 3.36 24.61
CA LYS A 476 -2.42 4.72 24.00
C LYS A 476 -1.75 4.66 22.62
N LYS A 477 -0.82 3.71 22.42
CA LYS A 477 -0.16 3.43 21.11
C LYS A 477 -1.15 2.68 20.21
N LEU A 478 -1.70 1.56 20.71
CA LEU A 478 -2.67 0.70 19.97
C LEU A 478 -3.92 1.51 19.61
N LEU A 479 -4.34 2.43 20.47
CA LEU A 479 -5.51 3.33 20.25
C LEU A 479 -5.19 4.31 19.12
N ASP A 480 -3.96 4.86 19.09
CA ASP A 480 -3.49 5.82 18.06
C ASP A 480 -3.51 5.14 16.69
N TYR A 481 -3.09 3.88 16.61
CA TYR A 481 -3.05 3.08 15.35
C TYR A 481 -4.47 2.97 14.79
N ARG A 482 -5.46 2.68 15.65
CA ARG A 482 -6.88 2.54 15.25
C ARG A 482 -7.39 3.87 14.69
N GLN A 483 -7.38 4.93 15.50
CA GLN A 483 -7.84 6.30 15.11
C GLN A 483 -7.15 6.71 13.80
N ARG A 484 -5.84 6.48 13.68
CA ARG A 484 -5.04 6.86 12.47
C ARG A 484 -5.58 6.08 11.27
N LEU A 485 -5.73 4.77 11.41
CA LEU A 485 -6.18 3.83 10.33
C LEU A 485 -7.59 4.22 9.85
N ILE A 486 -8.50 4.55 10.77
CA ILE A 486 -9.91 4.97 10.46
C ILE A 486 -9.87 6.11 9.45
N LYS A 487 -9.06 7.13 9.72
CA LYS A 487 -8.89 8.35 8.88
C LYS A 487 -8.50 7.94 7.45
N ILE A 488 -7.48 7.08 7.31
CA ILE A 488 -6.89 6.71 5.99
C ILE A 488 -7.96 5.91 5.22
N LEU A 489 -8.74 5.07 5.91
CA LEU A 489 -9.87 4.30 5.33
C LEU A 489 -10.98 5.26 4.92
N ALA A 490 -11.23 6.30 5.71
CA ALA A 490 -12.29 7.31 5.50
C ALA A 490 -12.00 8.14 4.25
N ASN A 491 -10.73 8.40 3.94
CA ASN A 491 -10.29 9.25 2.79
C ASN A 491 -10.15 8.40 1.53
N SER A 492 -10.35 7.08 1.62
CA SER A 492 -10.23 6.11 0.50
C SER A 492 -11.55 6.05 -0.30
N PHE A 493 -12.65 6.50 0.29
CA PHE A 493 -14.04 6.29 -0.22
C PHE A 493 -14.27 7.06 -1.54
N TYR A 494 -13.73 8.27 -1.66
CA TYR A 494 -13.79 9.07 -2.91
C TYR A 494 -13.12 8.28 -4.04
N GLY A 495 -11.91 7.77 -3.78
CA GLY A 495 -11.09 6.99 -4.74
C GLY A 495 -11.81 5.73 -5.18
N TYR A 496 -12.47 5.04 -4.25
CA TYR A 496 -13.19 3.76 -4.47
C TYR A 496 -14.32 3.97 -5.50
N TYR A 497 -14.97 5.13 -5.47
CA TYR A 497 -16.06 5.52 -6.42
C TYR A 497 -15.52 5.58 -7.85
N GLY A 498 -14.28 6.07 -8.03
CA GLY A 498 -13.63 6.23 -9.33
C GLY A 498 -12.97 4.96 -9.83
N TYR A 499 -12.69 4.01 -8.92
CA TYR A 499 -11.95 2.75 -9.19
C TYR A 499 -12.88 1.78 -9.95
N ALA A 500 -12.55 1.47 -11.21
CA ALA A 500 -13.40 0.73 -12.17
C ALA A 500 -13.71 -0.69 -11.67
N LYS A 501 -12.70 -1.40 -11.14
CA LYS A 501 -12.81 -2.81 -10.70
C LYS A 501 -13.60 -2.93 -9.39
N ALA A 502 -13.98 -1.79 -8.78
CA ALA A 502 -14.79 -1.73 -7.55
C ALA A 502 -16.21 -2.21 -7.80
N ARG A 503 -16.82 -2.90 -6.82
CA ARG A 503 -18.24 -3.33 -6.83
C ARG A 503 -19.13 -2.08 -6.78
N TRP A 504 -19.05 -1.30 -5.70
CA TRP A 504 -19.81 -0.04 -5.49
C TRP A 504 -19.09 1.11 -6.21
N TYR A 505 -18.85 0.96 -7.51
CA TYR A 505 -18.36 2.03 -8.43
C TYR A 505 -19.51 3.01 -8.67
N CYS A 506 -19.17 4.28 -8.88
CA CYS A 506 -20.14 5.38 -9.15
C CYS A 506 -19.38 6.59 -9.70
N LYS A 507 -19.35 6.74 -11.03
CA LYS A 507 -18.60 7.82 -11.73
C LYS A 507 -19.18 9.18 -11.31
N GLU A 508 -20.51 9.30 -11.34
CA GLU A 508 -21.25 10.56 -11.04
C GLU A 508 -21.09 10.94 -9.56
N CYS A 509 -20.84 9.97 -8.68
CA CYS A 509 -20.53 10.19 -7.24
C CYS A 509 -19.16 10.87 -7.12
N ALA A 510 -18.13 10.28 -7.73
CA ALA A 510 -16.74 10.78 -7.74
C ALA A 510 -16.67 12.15 -8.42
N GLU A 511 -17.33 12.30 -9.56
CA GLU A 511 -17.43 13.56 -10.36
C GLU A 511 -17.98 14.66 -9.45
N SER A 512 -19.05 14.36 -8.71
CA SER A 512 -19.82 15.32 -7.88
C SER A 512 -18.98 15.76 -6.66
N VAL A 513 -18.25 14.83 -6.05
CA VAL A 513 -17.31 15.10 -4.92
C VAL A 513 -16.32 16.19 -5.34
N THR A 514 -15.51 15.90 -6.36
CA THR A 514 -14.50 16.83 -6.95
C THR A 514 -15.15 18.18 -7.28
N ALA A 515 -16.34 18.16 -7.89
CA ALA A 515 -17.10 19.35 -8.32
C ALA A 515 -17.37 20.27 -7.11
N TRP A 516 -18.06 19.76 -6.08
CA TRP A 516 -18.28 20.49 -4.80
C TRP A 516 -16.93 20.99 -4.27
N GLY A 517 -15.91 20.13 -4.28
CA GLY A 517 -14.53 20.46 -3.90
C GLY A 517 -14.05 21.72 -4.60
N ARG A 518 -14.17 21.76 -5.93
CA ARG A 518 -13.72 22.89 -6.79
C ARG A 518 -14.45 24.17 -6.35
N GLU A 519 -15.78 24.09 -6.22
CA GLU A 519 -16.66 25.25 -5.88
C GLU A 519 -16.21 25.87 -4.55
N TYR A 520 -16.06 25.06 -3.51
CA TYR A 520 -15.81 25.50 -2.11
C TYR A 520 -14.38 26.08 -2.00
N ILE A 521 -13.39 25.46 -2.62
CA ILE A 521 -11.98 25.95 -2.67
C ILE A 521 -11.96 27.32 -3.36
N GLU A 522 -12.57 27.42 -4.55
CA GLU A 522 -12.64 28.66 -5.36
C GLU A 522 -13.33 29.78 -4.56
N MET A 523 -14.41 29.45 -3.83
CA MET A 523 -15.28 30.42 -3.13
C MET A 523 -14.53 31.01 -1.92
N VAL A 524 -13.80 30.18 -1.18
CA VAL A 524 -12.91 30.61 -0.07
C VAL A 524 -11.88 31.60 -0.62
N ILE A 525 -11.03 31.14 -1.55
CA ILE A 525 -9.99 31.95 -2.26
C ILE A 525 -10.56 33.33 -2.62
N ARG A 526 -11.72 33.37 -3.30
CA ARG A 526 -12.36 34.63 -3.78
C ARG A 526 -12.57 35.60 -2.60
N GLU A 527 -13.10 35.10 -1.48
CA GLU A 527 -13.44 35.92 -0.27
C GLU A 527 -12.16 36.44 0.38
N LEU A 528 -11.21 35.56 0.68
CA LEU A 528 -9.91 35.90 1.31
C LEU A 528 -9.22 37.01 0.50
N GLU A 529 -9.39 36.99 -0.83
CA GLU A 529 -8.80 37.97 -1.77
C GLU A 529 -9.59 39.28 -1.73
N GLU A 530 -10.94 39.20 -1.69
CA GLU A 530 -11.86 40.37 -1.77
C GLU A 530 -12.11 40.94 -0.37
N LYS A 531 -12.89 40.24 0.46
CA LYS A 531 -13.35 40.69 1.80
C LYS A 531 -12.16 41.13 2.64
N PHE A 532 -11.15 40.26 2.77
CA PHE A 532 -9.85 40.52 3.46
C PHE A 532 -8.80 40.80 2.38
N GLY A 533 -7.66 41.39 2.76
CA GLY A 533 -6.66 41.93 1.82
C GLY A 533 -5.54 40.94 1.52
N PHE A 534 -5.79 39.63 1.67
CA PHE A 534 -4.80 38.55 1.43
C PHE A 534 -4.57 38.38 -0.07
N LYS A 535 -3.40 37.87 -0.43
CA LYS A 535 -3.00 37.49 -1.82
C LYS A 535 -2.66 36.00 -1.84
N VAL A 536 -3.56 35.17 -2.38
CA VAL A 536 -3.37 33.69 -2.52
C VAL A 536 -2.20 33.43 -3.46
N LEU A 537 -1.05 33.06 -2.90
CA LEU A 537 0.22 32.81 -3.64
C LEU A 537 0.10 31.52 -4.46
N TYR A 538 -0.40 30.45 -3.84
CA TYR A 538 -0.60 29.12 -4.46
C TYR A 538 -1.76 28.41 -3.76
N ALA A 539 -2.49 27.56 -4.51
CA ALA A 539 -3.62 26.75 -4.00
C ALA A 539 -3.71 25.44 -4.80
N ASP A 540 -3.85 24.33 -4.09
CA ASP A 540 -4.20 22.99 -4.62
C ASP A 540 -5.58 22.65 -4.05
N THR A 541 -6.16 21.51 -4.40
CA THR A 541 -7.49 21.07 -3.86
C THR A 541 -7.42 21.02 -2.34
N ASP A 542 -8.37 21.69 -1.67
CA ASP A 542 -8.66 21.60 -0.22
C ASP A 542 -7.72 22.51 0.59
N GLY A 543 -6.66 23.06 -0.01
CA GLY A 543 -5.62 23.84 0.69
C GLY A 543 -5.19 25.09 -0.07
N LEU A 544 -4.61 26.07 0.63
CA LEU A 544 -4.07 27.30 -0.01
C LEU A 544 -2.98 27.94 0.87
N HIS A 545 -2.05 28.64 0.23
CA HIS A 545 -1.01 29.51 0.84
C HIS A 545 -1.32 30.96 0.46
N ALA A 546 -1.26 31.90 1.42
CA ALA A 546 -1.56 33.33 1.23
C ALA A 546 -0.79 34.19 2.22
N THR A 547 -0.87 35.52 2.06
CA THR A 547 -0.19 36.54 2.88
C THR A 547 -0.79 37.92 2.58
N ILE A 548 -0.41 38.93 3.36
CA ILE A 548 -0.76 40.36 3.15
C ILE A 548 0.53 41.10 2.80
N PRO A 549 0.86 41.24 1.50
CA PRO A 549 2.12 41.85 1.08
C PRO A 549 2.45 43.16 1.83
N GLY A 550 3.59 43.16 2.52
CA GLY A 550 4.13 44.34 3.22
C GLY A 550 3.81 44.35 4.71
N ALA A 551 2.88 43.50 5.15
CA ALA A 551 2.41 43.41 6.56
C ALA A 551 3.39 42.58 7.39
N ASP A 552 3.43 42.84 8.70
CA ASP A 552 4.28 42.09 9.68
C ASP A 552 3.70 40.67 9.85
N ALA A 553 4.54 39.74 10.32
CA ALA A 553 4.22 38.30 10.50
C ALA A 553 3.05 38.13 11.47
N GLU A 554 3.02 38.93 12.54
CA GLU A 554 1.96 38.91 13.59
C GLU A 554 0.60 39.22 12.94
N THR A 555 0.54 40.27 12.12
CA THR A 555 -0.68 40.77 11.43
C THR A 555 -1.23 39.67 10.51
N VAL A 556 -0.38 39.07 9.68
CA VAL A 556 -0.73 37.95 8.76
C VAL A 556 -1.44 36.86 9.57
N LYS A 557 -0.88 36.50 10.74
CA LYS A 557 -1.44 35.48 11.67
C LYS A 557 -2.84 35.93 12.12
N LYS A 558 -2.93 37.06 12.82
CA LYS A 558 -4.18 37.60 13.42
C LYS A 558 -5.28 37.68 12.36
N LYS A 559 -4.96 38.24 11.18
CA LYS A 559 -5.92 38.51 10.08
C LYS A 559 -6.44 37.18 9.51
N ALA A 560 -5.56 36.19 9.34
CA ALA A 560 -5.90 34.83 8.85
C ALA A 560 -6.88 34.17 9.84
N LYS A 561 -6.57 34.26 11.13
CA LYS A 561 -7.42 33.72 12.23
C LYS A 561 -8.80 34.39 12.20
N GLU A 562 -8.83 35.70 11.94
CA GLU A 562 -10.07 36.52 11.87
C GLU A 562 -10.93 36.06 10.68
N PHE A 563 -10.29 35.65 9.57
CA PHE A 563 -10.95 35.20 8.32
C PHE A 563 -11.71 33.89 8.57
N LEU A 564 -11.09 32.94 9.27
CA LEU A 564 -11.69 31.62 9.61
C LEU A 564 -12.99 31.84 10.40
N LYS A 565 -13.00 32.80 11.33
CA LYS A 565 -14.20 33.20 12.12
C LYS A 565 -15.30 33.68 11.18
N TYR A 566 -14.93 34.42 10.12
CA TYR A 566 -15.85 35.03 9.14
C TYR A 566 -16.47 33.96 8.22
N ILE A 567 -15.62 33.11 7.62
CA ILE A 567 -15.97 32.22 6.48
C ILE A 567 -16.78 31.02 6.98
N ASN A 568 -16.37 30.38 8.08
CA ASN A 568 -16.87 29.04 8.49
C ASN A 568 -18.39 29.07 8.69
N PRO A 569 -18.98 30.06 9.38
CA PRO A 569 -20.43 30.19 9.46
C PRO A 569 -21.15 30.25 8.11
N LYS A 570 -20.49 30.79 7.07
CA LYS A 570 -21.04 30.92 5.69
C LYS A 570 -21.01 29.55 4.99
N LEU A 571 -20.06 28.67 5.36
CA LEU A 571 -19.89 27.33 4.73
C LEU A 571 -20.96 26.37 5.26
N PRO A 572 -21.45 25.43 4.43
CA PRO A 572 -22.52 24.51 4.81
C PRO A 572 -22.04 23.17 5.39
N GLY A 573 -22.93 22.45 6.08
CA GLY A 573 -22.72 21.08 6.59
C GLY A 573 -21.45 20.96 7.40
N LEU A 574 -20.60 19.99 7.06
CA LEU A 574 -19.34 19.67 7.78
C LEU A 574 -18.15 20.41 7.13
N LEU A 575 -18.38 21.12 6.03
CA LEU A 575 -17.32 21.89 5.32
C LEU A 575 -16.83 23.03 6.22
N GLU A 576 -15.64 22.85 6.82
CA GLU A 576 -15.00 23.81 7.75
C GLU A 576 -13.54 24.04 7.30
N LEU A 577 -13.11 25.30 7.30
CA LEU A 577 -11.72 25.72 6.96
C LEU A 577 -10.91 25.81 8.26
N GLU A 578 -9.62 25.44 8.21
CA GLU A 578 -8.71 25.39 9.38
C GLU A 578 -7.40 26.12 9.07
N TYR A 579 -6.89 26.86 10.05
CA TYR A 579 -5.50 27.40 10.12
C TYR A 579 -4.57 26.21 10.43
N GLU A 580 -3.61 25.92 9.55
CA GLU A 580 -2.77 24.69 9.59
C GLU A 580 -1.31 25.03 9.88
N GLY A 581 -0.78 26.14 9.34
CA GLY A 581 0.62 26.56 9.55
C GLY A 581 0.86 28.01 9.22
N PHE A 582 1.94 28.58 9.78
CA PHE A 582 2.56 29.87 9.37
C PHE A 582 4.07 29.66 9.15
N TYR A 583 4.60 30.25 8.09
CA TYR A 583 6.00 30.06 7.62
C TYR A 583 6.68 31.41 7.41
N VAL A 584 7.91 31.57 7.90
CA VAL A 584 8.68 32.84 7.93
C VAL A 584 8.83 33.36 6.50
N ARG A 585 9.25 32.48 5.58
CA ARG A 585 9.35 32.75 4.12
C ARG A 585 9.06 31.46 3.35
N GLY A 586 8.64 31.59 2.09
CA GLY A 586 8.30 30.47 1.20
C GLY A 586 8.64 30.76 -0.25
N PHE A 587 8.83 29.69 -1.04
CA PHE A 587 9.30 29.74 -2.44
C PHE A 587 8.44 28.80 -3.30
N PHE A 588 7.66 29.37 -4.22
CA PHE A 588 6.79 28.64 -5.19
C PHE A 588 7.45 28.69 -6.56
N VAL A 589 7.76 27.50 -7.10
CA VAL A 589 8.50 27.32 -8.39
C VAL A 589 7.48 27.13 -9.51
N THR A 590 6.74 26.02 -9.50
CA THR A 590 5.64 25.70 -10.45
C THR A 590 4.46 25.09 -9.69
N LYS A 591 3.43 24.66 -10.41
CA LYS A 591 2.33 23.83 -9.86
C LYS A 591 2.94 22.54 -9.30
N LYS A 592 2.58 22.16 -8.08
CA LYS A 592 3.00 20.89 -7.40
C LYS A 592 4.46 20.98 -6.92
N LYS A 593 5.16 22.10 -7.16
CA LYS A 593 6.61 22.25 -6.81
C LYS A 593 6.82 23.57 -6.05
N TYR A 594 7.13 23.49 -4.76
CA TYR A 594 7.41 24.65 -3.86
C TYR A 594 8.11 24.18 -2.58
N ALA A 595 8.59 25.14 -1.79
CA ALA A 595 9.24 24.92 -0.47
C ALA A 595 8.96 26.10 0.46
N VAL A 596 8.91 25.84 1.78
CA VAL A 596 8.65 26.84 2.85
C VAL A 596 9.54 26.51 4.05
N ILE A 597 9.85 27.51 4.89
CA ILE A 597 10.62 27.34 6.16
C ILE A 597 9.79 27.93 7.31
N ASP A 598 9.53 27.13 8.34
CA ASP A 598 8.71 27.50 9.52
C ASP A 598 9.55 28.36 10.47
N GLU A 599 8.93 28.90 11.54
CA GLU A 599 9.54 29.87 12.48
C GLU A 599 10.73 29.22 13.19
N GLU A 600 10.63 27.92 13.52
CA GLU A 600 11.70 27.14 14.20
C GLU A 600 12.89 26.94 13.26
N GLY A 601 12.65 26.89 11.94
CA GLY A 601 13.71 26.83 10.91
C GLY A 601 13.67 25.54 10.09
N LYS A 602 12.66 24.69 10.26
CA LYS A 602 12.47 23.43 9.51
C LYS A 602 11.92 23.75 8.12
N ILE A 603 12.74 23.58 7.08
CA ILE A 603 12.34 23.71 5.64
C ILE A 603 11.40 22.54 5.30
N THR A 604 10.33 22.81 4.54
CA THR A 604 9.35 21.81 4.04
C THR A 604 9.32 21.87 2.51
N THR A 605 9.61 20.74 1.85
CA THR A 605 9.84 20.64 0.38
C THR A 605 8.77 19.75 -0.25
N ARG A 606 8.10 20.25 -1.30
CA ARG A 606 6.98 19.55 -1.98
C ARG A 606 7.21 19.56 -3.49
N GLY A 607 7.47 18.39 -4.07
CA GLY A 607 7.46 18.16 -5.53
C GLY A 607 8.82 18.34 -6.19
N LEU A 608 9.65 19.25 -5.66
CA LEU A 608 10.99 19.57 -6.22
C LEU A 608 11.87 18.30 -6.22
N GLU A 609 12.85 18.25 -7.13
CA GLU A 609 13.68 17.06 -7.45
C GLU A 609 14.20 16.42 -6.16
N ILE A 610 14.48 17.24 -5.14
CA ILE A 610 14.94 16.82 -3.78
C ILE A 610 14.18 15.55 -3.34
N VAL A 611 12.85 15.54 -3.48
CA VAL A 611 11.96 14.48 -2.93
C VAL A 611 11.87 13.30 -3.91
N ARG A 612 11.96 13.56 -5.22
CA ARG A 612 11.84 12.53 -6.29
C ARG A 612 13.03 11.56 -6.19
N ARG A 613 12.81 10.28 -6.54
CA ARG A 613 13.81 9.19 -6.41
C ARG A 613 14.57 8.99 -7.73
N ASP A 614 14.07 9.55 -8.83
CA ASP A 614 14.60 9.32 -10.21
C ASP A 614 15.56 10.45 -10.61
N TRP A 615 16.17 11.11 -9.62
CA TRP A 615 17.24 12.14 -9.82
C TRP A 615 18.50 11.72 -9.06
N SER A 616 19.67 11.97 -9.65
CA SER A 616 21.01 11.72 -9.05
C SER A 616 21.10 12.47 -7.71
N GLU A 617 21.60 11.80 -6.66
CA GLU A 617 21.66 12.34 -5.27
C GLU A 617 22.52 13.60 -5.24
N ILE A 618 23.46 13.76 -6.19
CA ILE A 618 24.28 15.00 -6.35
C ILE A 618 23.37 16.17 -6.73
N ALA A 619 22.40 15.94 -7.62
CA ALA A 619 21.39 16.95 -8.06
C ALA A 619 20.46 17.28 -6.90
N LYS A 620 20.07 16.26 -6.13
CA LYS A 620 19.11 16.37 -4.98
C LYS A 620 19.81 17.04 -3.80
N GLU A 621 21.10 16.76 -3.60
CA GLU A 621 21.95 17.44 -2.57
C GLU A 621 22.21 18.88 -3.00
N THR A 622 22.75 19.07 -4.20
CA THR A 622 23.13 20.39 -4.78
C THR A 622 21.93 21.36 -4.71
N GLN A 623 20.71 20.85 -4.93
CA GLN A 623 19.46 21.66 -4.89
C GLN A 623 19.14 22.04 -3.43
N ALA A 624 19.12 21.06 -2.53
CA ALA A 624 18.79 21.22 -1.09
C ALA A 624 19.71 22.26 -0.45
N ARG A 625 20.99 22.28 -0.86
CA ARG A 625 22.03 23.22 -0.36
C ARG A 625 21.77 24.63 -0.90
N VAL A 626 21.37 24.74 -2.17
CA VAL A 626 20.99 26.03 -2.83
C VAL A 626 19.68 26.53 -2.22
N LEU A 627 18.73 25.63 -1.97
CA LEU A 627 17.39 25.94 -1.41
C LEU A 627 17.54 26.37 0.06
N GLU A 628 18.43 25.73 0.82
CA GLU A 628 18.75 26.07 2.23
C GLU A 628 19.28 27.51 2.27
N ALA A 629 20.22 27.85 1.39
CA ALA A 629 20.89 29.17 1.30
C ALA A 629 19.85 30.27 1.03
N ILE A 630 18.95 30.03 0.06
CA ILE A 630 17.92 31.01 -0.39
C ILE A 630 16.89 31.24 0.73
N LEU A 631 16.43 30.17 1.39
CA LEU A 631 15.35 30.21 2.41
C LEU A 631 15.94 30.46 3.81
N LYS A 632 16.72 29.51 4.33
CA LYS A 632 17.18 29.49 5.76
C LYS A 632 18.04 30.72 6.04
N HIS A 633 19.11 30.92 5.25
CA HIS A 633 20.13 31.98 5.44
C HIS A 633 19.71 33.26 4.72
N GLY A 634 19.49 33.17 3.39
CA GLY A 634 19.16 34.32 2.52
C GLY A 634 20.31 34.68 1.60
N ASP A 635 21.46 33.99 1.73
CA ASP A 635 22.71 34.25 0.95
C ASP A 635 22.54 33.68 -0.46
N VAL A 636 22.09 34.52 -1.40
CA VAL A 636 21.86 34.15 -2.83
C VAL A 636 23.21 33.86 -3.50
N GLU A 637 24.27 34.60 -3.13
CA GLU A 637 25.65 34.41 -3.64
C GLU A 637 26.17 33.03 -3.22
N GLU A 638 25.87 32.62 -1.98
CA GLU A 638 26.27 31.31 -1.39
C GLU A 638 25.82 30.17 -2.31
N ALA A 639 24.56 30.22 -2.76
CA ALA A 639 23.94 29.24 -3.68
C ALA A 639 24.73 29.19 -4.99
N VAL A 640 24.99 30.35 -5.59
CA VAL A 640 25.80 30.52 -6.84
C VAL A 640 27.13 29.78 -6.67
N ARG A 641 27.77 29.97 -5.51
CA ARG A 641 29.08 29.35 -5.15
C ARG A 641 28.91 27.85 -4.95
N ILE A 642 27.89 27.44 -4.17
CA ILE A 642 27.59 26.02 -3.82
C ILE A 642 27.47 25.20 -5.11
N VAL A 643 26.79 25.73 -6.13
CA VAL A 643 26.65 25.13 -7.48
C VAL A 643 28.05 24.91 -8.07
N LYS A 644 28.85 25.98 -8.14
CA LYS A 644 30.14 26.03 -8.88
C LYS A 644 31.13 25.02 -8.30
N GLU A 645 31.26 24.96 -6.98
CA GLU A 645 32.16 24.02 -6.24
C GLU A 645 31.77 22.57 -6.58
N VAL A 646 30.48 22.25 -6.41
CA VAL A 646 29.86 20.93 -6.75
C VAL A 646 30.10 20.62 -8.24
N THR A 647 29.92 21.61 -9.12
CA THR A 647 30.06 21.46 -10.60
C THR A 647 31.51 21.11 -10.96
N GLU A 648 32.47 21.82 -10.36
CA GLU A 648 33.94 21.62 -10.59
C GLU A 648 34.34 20.22 -10.09
N LYS A 649 33.82 19.80 -8.93
CA LYS A 649 34.15 18.53 -8.26
C LYS A 649 33.82 17.34 -9.17
N LEU A 650 32.70 17.41 -9.90
CA LEU A 650 32.21 16.35 -10.81
C LEU A 650 33.11 16.26 -12.05
N SER A 651 33.52 17.42 -12.60
CA SER A 651 34.40 17.54 -13.80
C SER A 651 35.84 17.09 -13.46
N LYS A 652 36.24 17.22 -12.19
CA LYS A 652 37.55 16.74 -11.66
C LYS A 652 37.47 15.24 -11.33
N TYR A 653 36.28 14.64 -11.49
CA TYR A 653 35.99 13.19 -11.24
C TYR A 653 36.24 12.87 -9.76
N GLU A 654 35.80 13.76 -8.86
CA GLU A 654 35.94 13.62 -7.38
C GLU A 654 34.57 13.39 -6.74
N VAL A 655 33.53 13.15 -7.55
CA VAL A 655 32.14 12.87 -7.08
C VAL A 655 32.00 11.37 -6.84
N PRO A 656 31.68 10.92 -5.60
CA PRO A 656 31.52 9.50 -5.32
C PRO A 656 30.50 8.81 -6.23
N PRO A 657 30.74 7.53 -6.64
CA PRO A 657 29.77 6.78 -7.43
C PRO A 657 28.38 6.69 -6.78
N GLU A 658 28.35 6.43 -5.46
CA GLU A 658 27.12 6.18 -4.66
C GLU A 658 26.09 7.30 -4.90
N LYS A 659 26.54 8.55 -5.09
CA LYS A 659 25.68 9.75 -5.23
C LYS A 659 25.07 9.84 -6.63
N LEU A 660 25.50 9.00 -7.57
CA LEU A 660 25.16 9.11 -9.03
C LEU A 660 24.06 8.10 -9.41
N VAL A 661 23.64 7.23 -8.49
CA VAL A 661 22.66 6.13 -8.76
C VAL A 661 21.28 6.75 -9.05
N ILE A 662 20.68 6.36 -10.18
CA ILE A 662 19.31 6.78 -10.62
C ILE A 662 18.37 5.58 -10.49
N HIS A 663 17.22 5.76 -9.82
CA HIS A 663 16.20 4.70 -9.54
C HIS A 663 14.92 5.01 -10.32
N GLU A 664 14.53 4.11 -11.25
CA GLU A 664 13.29 4.21 -12.06
C GLU A 664 12.61 2.83 -12.08
N GLN A 665 11.37 2.76 -11.58
CA GLN A 665 10.56 1.50 -11.45
C GLN A 665 10.18 1.00 -12.84
N ILE A 666 10.04 -0.33 -12.99
CA ILE A 666 9.53 -1.02 -14.20
C ILE A 666 8.02 -1.22 -14.05
N THR A 667 7.23 -0.61 -14.94
CA THR A 667 5.75 -0.46 -14.81
C THR A 667 5.06 -1.77 -15.22
N ARG A 668 5.43 -2.35 -16.36
CA ARG A 668 4.80 -3.55 -16.96
C ARG A 668 5.88 -4.50 -17.50
N ASP A 669 5.47 -5.67 -18.02
CA ASP A 669 6.34 -6.65 -18.70
C ASP A 669 7.10 -5.93 -19.83
N LEU A 670 8.44 -5.98 -19.80
CA LEU A 670 9.35 -5.15 -20.64
C LEU A 670 8.97 -5.22 -22.13
N ARG A 671 8.33 -6.30 -22.57
CA ARG A 671 7.87 -6.51 -23.96
C ARG A 671 6.76 -5.49 -24.31
N ASP A 672 5.91 -5.15 -23.34
CA ASP A 672 4.68 -4.32 -23.53
C ASP A 672 5.06 -2.86 -23.78
N TYR A 673 6.27 -2.44 -23.42
CA TYR A 673 6.78 -1.04 -23.54
C TYR A 673 6.71 -0.59 -25.00
N LYS A 674 6.28 0.66 -25.21
CA LYS A 674 6.12 1.29 -26.55
C LYS A 674 7.35 2.17 -26.86
N ALA A 675 8.03 2.69 -25.83
CA ALA A 675 9.23 3.54 -25.94
C ALA A 675 10.19 3.24 -24.79
N THR A 676 11.49 3.11 -25.11
CA THR A 676 12.56 2.66 -24.18
C THR A 676 13.25 3.87 -23.53
N GLY A 677 12.96 4.14 -22.26
CA GLY A 677 13.78 4.99 -21.39
C GLY A 677 15.02 4.23 -20.95
N PRO A 678 16.08 4.91 -20.45
CA PRO A 678 17.28 4.24 -19.95
C PRO A 678 16.98 3.00 -19.08
N HIS A 679 16.09 3.14 -18.09
CA HIS A 679 15.70 2.07 -17.13
C HIS A 679 15.16 0.84 -17.88
N VAL A 680 14.47 1.04 -19.00
CA VAL A 680 13.96 -0.05 -19.89
C VAL A 680 15.15 -0.72 -20.61
N ALA A 681 16.05 0.09 -21.18
CA ALA A 681 17.28 -0.35 -21.87
C ALA A 681 18.18 -1.11 -20.89
N VAL A 682 18.19 -0.71 -19.61
CA VAL A 682 18.93 -1.37 -18.50
C VAL A 682 18.24 -2.71 -18.18
N ALA A 683 16.91 -2.70 -18.13
CA ALA A 683 16.06 -3.85 -17.72
C ALA A 683 16.10 -4.96 -18.78
N LYS A 684 16.18 -4.59 -20.07
CA LYS A 684 16.07 -5.55 -21.22
C LYS A 684 17.39 -6.33 -21.35
N ARG A 685 18.53 -5.69 -21.11
CA ARG A 685 19.88 -6.32 -21.18
C ARG A 685 20.10 -7.18 -19.93
N LEU A 686 19.55 -6.77 -18.78
CA LEU A 686 19.61 -7.52 -17.49
C LEU A 686 18.76 -8.79 -17.60
N ALA A 687 17.61 -8.70 -18.28
CA ALA A 687 16.66 -9.82 -18.51
C ALA A 687 17.25 -10.82 -19.52
N ALA A 688 18.13 -10.34 -20.42
CA ALA A 688 18.86 -11.16 -21.41
C ALA A 688 19.89 -12.06 -20.71
N ARG A 689 20.27 -11.71 -19.48
CA ARG A 689 21.16 -12.52 -18.59
C ARG A 689 20.32 -13.47 -17.72
N GLY A 690 19.00 -13.48 -17.92
CA GLY A 690 18.05 -14.38 -17.21
C GLY A 690 17.68 -13.87 -15.83
N VAL A 691 17.85 -12.57 -15.57
CA VAL A 691 17.48 -11.90 -14.30
C VAL A 691 15.96 -11.66 -14.29
N LYS A 692 15.37 -11.52 -13.09
CA LYS A 692 13.89 -11.45 -12.89
C LYS A 692 13.46 -9.98 -12.84
N ILE A 693 13.54 -9.27 -13.97
CA ILE A 693 13.04 -7.88 -14.14
C ILE A 693 11.52 -7.94 -14.30
N ARG A 694 10.78 -7.79 -13.20
CA ARG A 694 9.30 -7.96 -13.14
C ARG A 694 8.65 -6.67 -12.62
N PRO A 695 7.33 -6.47 -12.88
CA PRO A 695 6.59 -5.36 -12.28
C PRO A 695 6.87 -5.14 -10.79
N GLY A 696 7.25 -3.91 -10.42
CA GLY A 696 7.60 -3.52 -9.04
C GLY A 696 9.11 -3.38 -8.85
N THR A 697 9.90 -3.97 -9.75
CA THR A 697 11.39 -3.99 -9.70
C THR A 697 11.94 -2.59 -9.95
N VAL A 698 12.68 -2.04 -8.98
CA VAL A 698 13.36 -0.71 -9.06
C VAL A 698 14.73 -0.92 -9.71
N ILE A 699 14.97 -0.26 -10.86
CA ILE A 699 16.23 -0.36 -11.65
C ILE A 699 17.14 0.80 -11.26
N SER A 700 18.29 0.50 -10.65
CA SER A 700 19.40 1.44 -10.35
C SER A 700 20.41 1.39 -11.49
N TYR A 701 20.96 2.54 -11.90
CA TYR A 701 21.95 2.65 -13.00
C TYR A 701 22.69 3.98 -12.93
N ILE A 702 23.83 4.06 -13.63
CA ILE A 702 24.70 5.27 -13.78
C ILE A 702 25.00 5.48 -15.26
N VAL A 703 25.08 6.75 -15.70
CA VAL A 703 25.34 7.13 -17.11
C VAL A 703 26.85 7.13 -17.36
N LEU A 704 27.33 6.20 -18.20
CA LEU A 704 28.76 6.05 -18.59
C LEU A 704 29.11 7.11 -19.65
N LYS A 705 30.40 7.45 -19.79
CA LYS A 705 30.90 8.56 -20.63
C LYS A 705 30.57 8.32 -22.11
N GLY A 706 30.51 9.39 -22.90
CA GLY A 706 30.29 9.36 -24.36
C GLY A 706 29.23 10.37 -24.80
N SER A 707 28.50 10.03 -25.88
CA SER A 707 27.46 10.89 -26.51
C SER A 707 26.35 10.01 -27.10
N GLY A 708 25.27 10.64 -27.60
CA GLY A 708 24.10 9.98 -28.22
C GLY A 708 22.97 9.82 -27.22
N ARG A 709 22.20 8.73 -27.34
CA ARG A 709 21.09 8.37 -26.42
C ARG A 709 21.67 7.98 -25.06
N ILE A 710 21.05 8.48 -23.97
CA ILE A 710 21.50 8.25 -22.57
C ILE A 710 21.29 6.77 -22.18
N GLY A 711 20.27 6.12 -22.76
CA GLY A 711 19.84 4.75 -22.41
C GLY A 711 20.81 3.67 -22.85
N ASP A 712 21.53 3.88 -23.97
CA ASP A 712 22.49 2.91 -24.54
C ASP A 712 23.86 3.03 -23.86
N ARG A 713 23.94 3.77 -22.74
CA ARG A 713 25.19 4.06 -22.00
C ARG A 713 24.93 4.01 -20.49
N ALA A 714 24.04 3.13 -20.04
CA ALA A 714 23.62 2.97 -18.62
C ALA A 714 24.04 1.58 -18.11
N ILE A 715 25.09 1.53 -17.29
CA ILE A 715 25.56 0.31 -16.57
C ILE A 715 25.00 0.34 -15.15
N PRO A 716 24.24 -0.70 -14.73
CA PRO A 716 23.73 -0.78 -13.36
C PRO A 716 24.77 -0.44 -12.28
N ALA A 717 24.34 0.23 -11.20
CA ALA A 717 25.18 0.68 -10.06
C ALA A 717 26.05 -0.48 -9.55
N ASP A 718 25.47 -1.66 -9.40
CA ASP A 718 26.15 -2.91 -8.97
C ASP A 718 27.22 -3.27 -10.02
N GLU A 719 26.84 -3.28 -11.31
CA GLU A 719 27.69 -3.68 -12.45
C GLU A 719 28.85 -2.69 -12.62
N PHE A 720 28.59 -1.39 -12.47
CA PHE A 720 29.59 -0.29 -12.60
C PHE A 720 30.80 -0.59 -11.69
N ASP A 721 32.00 -0.47 -12.26
CA ASP A 721 33.30 -0.51 -11.54
C ASP A 721 34.14 0.69 -12.00
N PRO A 722 34.94 1.32 -11.10
CA PRO A 722 35.69 2.53 -11.47
C PRO A 722 36.61 2.31 -12.68
N THR A 723 37.46 1.28 -12.63
CA THR A 723 38.40 0.87 -13.69
C THR A 723 38.96 2.11 -14.39
N LYS A 724 38.76 2.23 -15.71
CA LYS A 724 38.98 3.47 -16.50
C LYS A 724 37.63 4.00 -17.00
N HIS A 725 36.52 3.43 -16.50
CA HIS A 725 35.13 3.84 -16.83
C HIS A 725 34.92 5.31 -16.49
N ARG A 726 35.12 5.67 -15.22
CA ARG A 726 34.78 7.02 -14.66
C ARG A 726 33.26 7.18 -14.71
N TYR A 727 32.76 8.28 -15.28
CA TYR A 727 31.32 8.51 -15.54
C TYR A 727 31.16 9.66 -16.54
N ASP A 728 29.94 9.86 -17.05
CA ASP A 728 29.59 10.97 -17.98
C ASP A 728 29.55 12.28 -17.19
N ALA A 729 30.73 12.84 -16.92
CA ALA A 729 30.93 14.10 -16.17
C ALA A 729 30.06 15.21 -16.78
N GLU A 730 29.89 15.19 -18.11
CA GLU A 730 28.99 16.11 -18.86
C GLU A 730 27.55 15.94 -18.34
N TYR A 731 26.95 14.77 -18.57
CA TYR A 731 25.54 14.44 -18.24
C TYR A 731 25.17 15.00 -16.85
N TYR A 732 25.89 14.56 -15.82
CA TYR A 732 25.59 14.83 -14.39
C TYR A 732 25.74 16.33 -14.08
N ILE A 733 26.46 17.07 -14.92
CA ILE A 733 26.60 18.56 -14.83
C ILE A 733 25.52 19.23 -15.70
N GLU A 734 25.30 18.69 -16.91
CA GLU A 734 24.45 19.32 -17.97
C GLU A 734 22.97 19.05 -17.71
N ASN A 735 22.61 17.80 -17.40
CA ASN A 735 21.21 17.29 -17.43
C ASN A 735 20.63 17.09 -16.02
N GLN A 736 21.46 17.14 -14.97
CA GLN A 736 21.05 16.79 -13.58
C GLN A 736 21.26 17.98 -12.64
N VAL A 737 22.52 18.23 -12.24
CA VAL A 737 22.89 19.22 -11.18
C VAL A 737 22.39 20.62 -11.58
N LEU A 738 22.68 21.05 -12.82
CA LEU A 738 22.42 22.43 -13.30
C LEU A 738 20.92 22.67 -13.46
N PRO A 739 20.19 21.87 -14.27
CA PRO A 739 18.74 22.04 -14.44
C PRO A 739 17.96 22.19 -13.12
N ALA A 740 18.20 21.29 -12.16
CA ALA A 740 17.54 21.26 -10.83
C ALA A 740 17.86 22.54 -10.05
N VAL A 741 19.15 22.90 -9.99
CA VAL A 741 19.66 24.15 -9.33
C VAL A 741 19.04 25.36 -10.02
N GLU A 742 19.09 25.38 -11.36
CA GLU A 742 18.57 26.48 -12.22
C GLU A 742 17.14 26.86 -11.79
N ARG A 743 16.29 25.86 -11.53
CA ARG A 743 14.85 26.04 -11.19
C ARG A 743 14.69 27.09 -10.09
N ILE A 744 15.47 26.96 -9.01
CA ILE A 744 15.42 27.86 -7.82
C ILE A 744 16.09 29.19 -8.16
N LEU A 745 17.35 29.14 -8.63
CA LEU A 745 18.25 30.32 -8.81
C LEU A 745 17.87 31.11 -10.07
N LYS A 746 16.93 30.60 -10.88
CA LYS A 746 16.43 31.26 -12.12
C LYS A 746 15.60 32.50 -11.76
N ALA A 747 15.07 32.57 -10.53
CA ALA A 747 14.30 33.73 -9.99
C ALA A 747 15.16 35.01 -10.05
N PHE A 748 16.47 34.87 -9.89
CA PHE A 748 17.47 35.97 -9.87
C PHE A 748 18.24 35.98 -11.20
N GLY A 749 17.77 35.19 -12.18
CA GLY A 749 18.22 35.20 -13.59
C GLY A 749 19.72 34.94 -13.72
N TYR A 750 20.20 33.83 -13.16
CA TYR A 750 21.61 33.36 -13.28
C TYR A 750 21.72 32.46 -14.52
N ARG A 751 22.78 32.66 -15.32
CA ARG A 751 22.94 32.05 -16.66
C ARG A 751 23.72 30.73 -16.56
N LYS A 752 25.04 30.81 -16.30
CA LYS A 752 25.98 29.66 -16.37
C LYS A 752 26.88 29.64 -15.12
N GLU A 753 27.20 28.44 -14.63
CA GLU A 753 28.09 28.18 -13.47
C GLU A 753 29.16 27.16 -13.88
N ASP A 754 30.40 27.35 -13.40
CA ASP A 754 31.57 26.50 -13.73
C ASP A 754 31.64 25.33 -12.74
#